data_8BPC
#
_entry.id   8BPC
#
_cell.length_a   1.00
_cell.length_b   1.00
_cell.length_c   1.00
_cell.angle_alpha   90.00
_cell.angle_beta   90.00
_cell.angle_gamma   90.00
#
_symmetry.space_group_name_H-M   'P 1'
#
loop_
_entity.id
_entity.type
_entity.pdbx_description
1 polymer 'Isoform 2 of Paired amphipathic helix protein Sin3b'
2 polymer 'Histone deacetylase 2'
3 polymer 'PHD finger protein 12'
4 non-polymer 'OCTANEDIOIC ACID HYDROXYAMIDE PHENYLAMIDE'
5 non-polymer 'ZINC ION'
6 non-polymer 'CALCIUM ION'
7 water water
#
loop_
_entity_poly.entity_id
_entity_poly.type
_entity_poly.pdbx_seq_one_letter_code
_entity_poly.pdbx_strand_id
1 'polypeptide(L)'
;MAHAGGGSGGSGAGGPAGRGLSGARWGRSGSAGHEKLPVHVEDALTYLDQVKIRFGSDPATYNGFLEIMKEFKSQSIDTP
GVIRRVSQLFHEHPDLIVGFNAFLPLGYRIDIPKNGKLNIQSPLTSQENSHNHGDGAEDFKQQVPYKEDKPQVPLESDSV
EFNNAISYVNKIKTRFLDHPEIYRSFLEILHTYQKEQLNTRGRPFRGMSEEEVFTEVANLFRGQEDLLSEFGQFLPEAKR
SLFTGNGPCEMHSVQKNEHDKTPEHSRKRSRPSLLRPVSAPAKKKMKLRGTKDLSIAAVGKYGTLQEFSFFDKVRRVLKS
QEVYENFLRCIALFNQELVSGSELLQLVSPFLGKFPELFAQFKSFLGVKELSFAPPMSDRSGDGISREIDYASCKRIGSS
YRALPKTYQQPKCSGRTAICKEVLNDTWVSFPSWSEDSTFVSSKKTPYEEQLHRCEDERFELDVVLETNLATIRVLESVQ
KKLSRMAPEDQEKFRLDDSLGGTSEVIQRRAIYRIYGDKAPEIIESLKKNPVTAVPVVLKRLKAKEEEWREAQQGFNKIW
REQYEKAYLKSLDHQAVNFKQNDTKALRSKSLLNEIESVYDEHQEQHSEGRSAPSSEPHLIFVYEDRQILEDAAALISYY
VKRQPAIQKEDQGTIHQLLHQFVPSLFFSQQLDLGASEESADEDRDSPQGQTTDPSERKKPAPGPHSSPPEEKGAFGDAP
ATEQPPLPPPAPHKPLDDVYSLFFANNNWYFFLRLHQTLCSRLLKIYRQAQKQLLEYRTEKEREKLLCEGRREKGSDPAM
ELRLKQPSEVELEEYYPAFLDMVRSLLEGSIDPTQYEDTLREMFTIHAYVGFTMDKLVQNIARQLHHLVSDDVCLKVVEL
YLNEKKRGAAGGNLSSRCVRAARETSYQWKAERCMADENCFKVMFLQRKGQVIMTIELLDTEEAQTEDPVEVQHLARYVE
QYVGTEGASSSPTEGFLLKPVFLQRNLKKFRRRWQSEQARALRGEARSSWKRLVGVESACDVDCRFKLSTHKMVFIVNSE
DYMYRRGTLCRAKQVQPLVLLRHHQHFEEWHSRWLEDNVTVEAASLVQDWLMGEEDEDMVPCKTLCETVHVHGLPVTRYR
VQYSRRPASP
;
A
2 'polypeptide(L)'
;MAYSQGGGKKKVCYYYDGDIGNYYYGQGHPMKPHRIRMTHNLLLNYGLYRKMEIYRPHKATAEEMTKYHSDEYIKFLRSI
RPDNMSEYSKQMQRFNVGEDCPVFDGLFEFCQLSTGGSVAGAVKLNRQQTDMAVNWAGGLHHAKKSEASGFCYVNDIVLA
ILELLKYHQRVLYIDIDIHHGDGVEEAFYTTDRVMTVSFHKYGEYFPGTGDLRDIGAGKGKYYAVNFPMRDGIDDESYGQ
IFKPIISKVMEMYQPSAVVLQCGADSLSGDRLGCFNLTVKGHAKCVEVVKTFNLPLLMLGGGGYTIRNVARCWTYETAVA
LDCEIPNELPYNDYFEYFGPDFKLHISPSNMTNQNTPEYMEKIKQRLFENLRMLPHAPGVQMQAIPEDAVHEDSGDEDGE
DPDKRISIRASDKRIACDEEFSDSEDEGEGGRRNVADHKKGAKKARIEEDKKETEDKKTDVKEEDKSKDNSGEKTDTKGT
KSEQLSNP
;
B
3 'polypeptide(L)'
;MWEKMETKTIVYDLDTSGGLMEQIQALLAPPKTDEAEKRSRKPEKEPRRSGRATNHDSCDSCKEGGDLLCCDHCPAAFHL
QCCNPPLSEEMLPPGEWMCHRCTVRRKKREQKKELGHVNGLVDKSGKRTTSPSSDTDLLDRSASKTELKAIAHARILERR
ASRPGTPTSSASTETPTSEQNDVDEDIIDVDEEPVAAEPDYVQPQLRRPFELLIAAAMERNPTQFQLPNELTCTTALPGS
SKRRRKEETTGKNVKKTQHELDHNGLVPLPVKVCFTCNRSCRVAPLIQCDYCPLLFHMDCLEPPLTAMPLGRWMCPNHIE
HVVLNQKNMTLSNRCQVFDRFQDTVSQHVVKVDFLNRIHKKHPP
;
C
#
# COMPACT_ATOMS: atom_id res chain seq x y z
N THR A 304 6.53 -55.72 -3.98
CA THR A 304 6.79 -56.34 -2.69
C THR A 304 6.03 -55.64 -1.57
N LEU A 305 6.47 -55.87 -0.33
CA LEU A 305 5.85 -55.21 0.82
C LEU A 305 6.29 -53.75 0.94
N GLN A 306 7.39 -53.37 0.30
CA GLN A 306 7.84 -51.99 0.35
C GLN A 306 6.82 -51.05 -0.28
N GLU A 307 6.22 -51.46 -1.41
CA GLU A 307 5.19 -50.65 -2.04
C GLU A 307 3.98 -50.51 -1.13
N PHE A 308 3.61 -51.60 -0.43
CA PHE A 308 2.49 -51.54 0.50
C PHE A 308 2.79 -50.57 1.64
N SER A 309 4.02 -50.61 2.17
CA SER A 309 4.40 -49.69 3.23
C SER A 309 4.39 -48.24 2.75
N PHE A 310 4.87 -48.01 1.53
CA PHE A 310 4.84 -46.67 0.94
C PHE A 310 3.41 -46.17 0.84
N PHE A 311 2.52 -46.98 0.29
CA PHE A 311 1.13 -46.55 0.15
C PHE A 311 0.48 -46.35 1.52
N ASP A 312 0.85 -47.20 2.49
CA ASP A 312 0.33 -47.07 3.84
C ASP A 312 0.69 -45.72 4.43
N LYS A 313 1.97 -45.36 4.36
CA LYS A 313 2.38 -44.09 4.93
C LYS A 313 1.79 -42.91 4.16
N VAL A 314 1.60 -43.02 2.84
CA VAL A 314 1.07 -41.88 2.12
C VAL A 314 -0.41 -41.65 2.44
N ARG A 315 -1.22 -42.72 2.55
CA ARG A 315 -2.62 -42.44 2.86
C ARG A 315 -2.78 -42.07 4.33
N ARG A 316 -1.83 -42.51 5.18
CA ARG A 316 -1.83 -42.03 6.56
C ARG A 316 -1.51 -40.54 6.61
N VAL A 317 -0.54 -40.09 5.81
CA VAL A 317 -0.08 -38.71 5.91
C VAL A 317 -1.04 -37.75 5.22
N LEU A 318 -1.76 -38.20 4.19
CA LEU A 318 -2.69 -37.31 3.51
C LEU A 318 -3.93 -37.02 4.36
N LYS A 319 -4.24 -37.92 5.29
CA LYS A 319 -5.27 -37.70 6.32
C LYS A 319 -6.67 -37.61 5.74
N SER A 320 -6.81 -37.80 4.43
CA SER A 320 -8.11 -37.72 3.77
C SER A 320 -8.20 -38.76 2.67
N GLN A 321 -9.43 -39.01 2.21
CA GLN A 321 -9.62 -39.97 1.12
C GLN A 321 -9.65 -39.26 -0.23
N GLU A 322 -10.14 -38.02 -0.27
CA GLU A 322 -10.27 -37.33 -1.54
C GLU A 322 -8.91 -36.93 -2.11
N VAL A 323 -8.02 -36.40 -1.27
CA VAL A 323 -6.67 -36.06 -1.73
C VAL A 323 -5.91 -37.31 -2.14
N TYR A 324 -6.07 -38.39 -1.36
CA TYR A 324 -5.43 -39.66 -1.70
C TYR A 324 -5.94 -40.18 -3.04
N GLU A 325 -7.25 -40.07 -3.26
CA GLU A 325 -7.82 -40.54 -4.52
C GLU A 325 -7.38 -39.66 -5.69
N ASN A 326 -7.17 -38.36 -5.46
CA ASN A 326 -6.58 -37.52 -6.49
C ASN A 326 -5.17 -37.98 -6.83
N PHE A 327 -4.39 -38.35 -5.81
CA PHE A 327 -3.07 -38.92 -6.06
C PHE A 327 -3.16 -40.21 -6.87
N LEU A 328 -4.13 -41.07 -6.55
CA LEU A 328 -4.34 -42.30 -7.31
C LEU A 328 -4.74 -41.99 -8.74
N ARG A 329 -5.58 -40.98 -8.95
CA ARG A 329 -5.94 -40.58 -10.32
C ARG A 329 -4.71 -40.13 -11.09
N CYS A 330 -3.82 -39.38 -10.43
CA CYS A 330 -2.57 -38.99 -11.07
C CYS A 330 -1.75 -40.19 -11.49
N ILE A 331 -1.55 -41.14 -10.57
CA ILE A 331 -0.69 -42.28 -10.91
C ILE A 331 -1.35 -43.16 -11.95
N ALA A 332 -2.69 -43.24 -11.95
CA ALA A 332 -3.38 -44.02 -12.98
C ALA A 332 -3.26 -43.36 -14.35
N LEU A 333 -3.44 -42.04 -14.40
CA LEU A 333 -3.23 -41.31 -15.65
C LEU A 333 -1.81 -41.50 -16.16
N PHE A 334 -0.83 -41.58 -15.25
CA PHE A 334 0.51 -41.95 -15.68
C PHE A 334 0.51 -43.35 -16.26
N ASN A 335 -0.16 -44.30 -15.59
CA ASN A 335 -0.10 -45.70 -16.01
C ASN A 335 -0.66 -45.93 -17.40
N GLN A 336 -1.53 -45.04 -17.88
CA GLN A 336 -2.10 -45.15 -19.23
C GLN A 336 -1.18 -44.56 -20.30
N GLU A 337 0.10 -44.39 -20.00
CA GLU A 337 1.13 -43.93 -20.93
C GLU A 337 0.87 -42.54 -21.49
N LEU A 338 0.06 -41.73 -20.80
CA LEU A 338 -0.14 -40.34 -21.20
C LEU A 338 0.78 -39.38 -20.47
N VAL A 339 1.61 -39.88 -19.55
CA VAL A 339 2.43 -39.03 -18.70
C VAL A 339 3.86 -39.59 -18.67
N SER A 340 4.83 -38.72 -18.91
CA SER A 340 6.24 -39.08 -18.82
C SER A 340 6.70 -39.07 -17.36
N GLY A 341 7.88 -39.63 -17.11
CA GLY A 341 8.37 -39.73 -15.75
C GLY A 341 8.62 -38.39 -15.10
N SER A 342 9.29 -37.48 -15.83
CA SER A 342 9.55 -36.15 -15.30
C SER A 342 8.26 -35.38 -15.09
N GLU A 343 7.34 -35.47 -16.04
CA GLU A 343 6.04 -34.86 -15.85
C GLU A 343 5.29 -35.51 -14.70
N LEU A 344 5.46 -36.82 -14.52
CA LEU A 344 4.81 -37.50 -13.40
C LEU A 344 5.31 -36.96 -12.06
N LEU A 345 6.63 -36.76 -11.93
CA LEU A 345 7.14 -36.24 -10.67
C LEU A 345 6.76 -34.78 -10.49
N GLN A 346 6.69 -34.00 -11.58
CA GLN A 346 6.29 -32.61 -11.41
C GLN A 346 4.81 -32.49 -11.04
N LEU A 347 3.98 -33.48 -11.43
CA LEU A 347 2.61 -33.52 -10.94
C LEU A 347 2.49 -34.03 -9.51
N VAL A 348 3.34 -34.97 -9.12
CA VAL A 348 3.27 -35.50 -7.75
C VAL A 348 3.94 -34.56 -6.74
N SER A 349 4.72 -33.60 -7.20
CA SER A 349 5.36 -32.65 -6.30
C SER A 349 4.39 -31.89 -5.39
N PRO A 350 3.22 -31.42 -5.83
CA PRO A 350 2.30 -30.79 -4.87
C PRO A 350 1.91 -31.69 -3.70
N PHE A 351 1.74 -32.99 -3.94
CA PHE A 351 1.28 -33.87 -2.86
C PHE A 351 2.40 -34.17 -1.88
N LEU A 352 3.62 -34.39 -2.37
CA LEU A 352 4.74 -34.82 -1.53
C LEU A 352 5.90 -33.84 -1.53
N GLY A 353 5.59 -32.54 -1.60
CA GLY A 353 6.65 -31.53 -1.56
C GLY A 353 7.19 -31.21 -0.19
N LYS A 354 6.55 -31.68 0.87
CA LYS A 354 6.97 -31.39 2.23
C LYS A 354 7.51 -32.60 2.98
N PHE A 355 7.55 -33.77 2.35
CA PHE A 355 8.16 -34.95 2.94
C PHE A 355 9.38 -35.33 2.09
N PRO A 356 10.58 -34.89 2.45
CA PRO A 356 11.77 -35.27 1.66
C PRO A 356 11.99 -36.77 1.60
N GLU A 357 11.71 -37.49 2.70
CA GLU A 357 11.87 -38.93 2.69
C GLU A 357 10.91 -39.60 1.72
N LEU A 358 9.63 -39.20 1.77
CA LEU A 358 8.64 -39.77 0.86
C LEU A 358 8.96 -39.43 -0.59
N PHE A 359 9.38 -38.19 -0.84
CA PHE A 359 9.72 -37.79 -2.20
C PHE A 359 10.93 -38.56 -2.73
N ALA A 360 11.95 -38.75 -1.90
CA ALA A 360 13.11 -39.53 -2.31
C ALA A 360 12.73 -40.98 -2.57
N GLN A 361 11.88 -41.55 -1.72
CA GLN A 361 11.44 -42.92 -1.93
C GLN A 361 10.66 -43.05 -3.23
N PHE A 362 9.79 -42.08 -3.53
CA PHE A 362 9.04 -42.13 -4.78
C PHE A 362 9.95 -41.97 -5.99
N LYS A 363 10.96 -41.11 -5.88
CA LYS A 363 11.91 -40.95 -6.98
C LYS A 363 12.69 -42.24 -7.22
N SER A 364 13.12 -42.90 -6.14
CA SER A 364 13.81 -44.17 -6.29
C SER A 364 12.90 -45.22 -6.90
N PHE A 365 11.62 -45.24 -6.50
CA PHE A 365 10.66 -46.18 -7.08
C PHE A 365 10.49 -45.93 -8.56
N LEU A 366 10.42 -44.66 -8.96
CA LEU A 366 10.37 -44.33 -10.38
C LEU A 366 11.70 -44.66 -11.06
N GLY A 367 12.81 -44.23 -10.46
CA GLY A 367 14.13 -44.46 -11.04
C GLY A 367 14.41 -43.58 -12.24
N CYS A 394 -8.70 -17.81 -31.73
CA CYS A 394 -7.93 -16.75 -31.08
C CYS A 394 -7.11 -17.29 -29.92
N LYS A 395 -5.91 -16.76 -29.76
CA LYS A 395 -5.01 -17.23 -28.71
C LYS A 395 -5.01 -16.27 -27.52
N ARG A 396 -4.47 -16.76 -26.41
CA ARG A 396 -4.47 -16.05 -25.14
C ARG A 396 -3.13 -16.23 -24.46
N ILE A 397 -2.64 -15.18 -23.82
CA ILE A 397 -1.36 -15.22 -23.11
C ILE A 397 -1.52 -14.51 -21.78
N GLY A 398 -0.62 -14.82 -20.83
CA GLY A 398 -0.66 -14.18 -19.54
C GLY A 398 -1.96 -14.42 -18.82
N SER A 399 -2.54 -13.33 -18.30
CA SER A 399 -3.84 -13.40 -17.65
C SER A 399 -4.79 -12.29 -18.06
N SER A 400 -4.31 -11.25 -18.76
CA SER A 400 -5.16 -10.10 -19.06
C SER A 400 -4.98 -9.59 -20.48
N TYR A 401 -4.32 -10.34 -21.36
CA TYR A 401 -4.11 -9.92 -22.74
C TYR A 401 -4.83 -10.90 -23.68
N ARG A 402 -5.55 -10.34 -24.64
CA ARG A 402 -6.24 -11.12 -25.66
C ARG A 402 -5.71 -10.76 -27.04
N ALA A 403 -5.68 -11.75 -27.92
CA ALA A 403 -5.21 -11.52 -29.28
C ALA A 403 -6.26 -10.77 -30.08
N LEU A 404 -5.83 -9.74 -30.79
CA LEU A 404 -6.73 -9.02 -31.67
C LEU A 404 -7.09 -9.90 -32.88
N PRO A 405 -8.27 -9.72 -33.46
CA PRO A 405 -8.62 -10.47 -34.67
C PRO A 405 -7.65 -10.18 -35.80
N LYS A 406 -7.29 -11.23 -36.53
CA LYS A 406 -6.42 -11.05 -37.70
C LYS A 406 -7.12 -10.23 -38.77
N THR A 407 -8.40 -10.52 -39.02
CA THR A 407 -9.22 -9.76 -39.95
C THR A 407 -9.91 -8.59 -39.26
N TYR A 408 -9.10 -7.74 -38.63
CA TYR A 408 -9.58 -6.54 -37.96
C TYR A 408 -8.90 -5.33 -38.55
N GLN A 409 -9.70 -4.34 -38.96
CA GLN A 409 -9.17 -3.15 -39.61
C GLN A 409 -8.47 -2.28 -38.58
N GLN A 410 -7.15 -2.45 -38.47
CA GLN A 410 -6.38 -1.66 -37.53
C GLN A 410 -6.48 -0.18 -37.88
N PRO A 411 -6.81 0.69 -36.93
CA PRO A 411 -7.00 2.11 -37.24
C PRO A 411 -5.72 2.74 -37.78
N LYS A 412 -5.82 3.34 -38.95
CA LYS A 412 -4.65 3.89 -39.63
C LYS A 412 -4.07 5.06 -38.84
N CYS A 413 -2.75 5.22 -38.94
CA CYS A 413 -2.03 6.31 -38.31
C CYS A 413 -1.12 6.96 -39.34
N SER A 414 -1.02 8.29 -39.29
CA SER A 414 -0.31 9.02 -40.33
C SER A 414 1.16 9.24 -40.00
N GLY A 415 1.52 9.26 -38.72
CA GLY A 415 2.87 9.55 -38.30
C GLY A 415 3.77 8.34 -38.11
N ARG A 416 3.33 7.15 -38.50
CA ARG A 416 4.09 5.93 -38.23
C ARG A 416 5.38 5.93 -39.04
N THR A 417 6.51 6.08 -38.34
CA THR A 417 7.82 5.95 -38.94
C THR A 417 8.28 4.50 -38.80
N ALA A 418 9.52 4.21 -39.18
CA ALA A 418 10.01 2.84 -39.16
C ALA A 418 10.02 2.26 -37.75
N ILE A 419 10.51 3.05 -36.78
CA ILE A 419 10.51 2.58 -35.39
C ILE A 419 9.08 2.36 -34.90
N CYS A 420 8.14 3.20 -35.37
CA CYS A 420 6.74 3.02 -34.98
C CYS A 420 6.22 1.66 -35.45
N LYS A 421 6.50 1.28 -36.70
CA LYS A 421 6.05 -0.02 -37.18
C LYS A 421 6.74 -1.16 -36.44
N GLU A 422 8.05 -1.07 -36.26
CA GLU A 422 8.80 -2.23 -35.75
C GLU A 422 8.65 -2.38 -34.24
N VAL A 423 8.28 -1.32 -33.53
CA VAL A 423 8.31 -1.34 -32.07
C VAL A 423 6.92 -1.49 -31.47
N LEU A 424 5.92 -0.81 -32.04
CA LEU A 424 4.62 -0.72 -31.39
C LEU A 424 3.86 -2.03 -31.46
N ASN A 425 3.19 -2.37 -30.36
CA ASN A 425 2.38 -3.57 -30.29
C ASN A 425 1.14 -3.43 -31.16
N ASP A 426 0.76 -4.53 -31.81
CA ASP A 426 -0.35 -4.50 -32.74
C ASP A 426 -1.33 -5.66 -32.59
N THR A 427 -0.99 -6.72 -31.86
CA THR A 427 -1.79 -7.93 -31.84
C THR A 427 -2.48 -8.21 -30.51
N TRP A 428 -1.90 -7.81 -29.40
CA TRP A 428 -2.68 -8.14 -28.19
C TRP A 428 -3.42 -6.87 -27.71
N VAL A 429 -4.61 -7.03 -27.13
CA VAL A 429 -5.33 -5.88 -26.50
C VAL A 429 -5.71 -6.39 -25.11
N SER A 430 -5.40 -5.62 -24.07
CA SER A 430 -5.67 -6.17 -22.73
C SER A 430 -6.98 -5.63 -22.17
N PHE A 431 -7.92 -6.53 -21.88
CA PHE A 431 -9.25 -6.10 -21.38
C PHE A 431 -9.24 -6.02 -19.85
N PRO A 432 -9.59 -4.87 -19.25
CA PRO A 432 -9.66 -4.76 -17.79
C PRO A 432 -10.41 -5.94 -17.19
N SER A 433 -9.76 -6.69 -16.30
CA SER A 433 -10.38 -7.89 -15.69
C SER A 433 -11.18 -7.50 -14.44
N TRP A 434 -12.04 -6.49 -14.54
CA TRP A 434 -12.90 -6.08 -13.39
C TRP A 434 -14.07 -5.24 -13.90
N SER A 435 -15.09 -5.00 -13.06
CA SER A 435 -16.27 -4.20 -13.46
C SER A 435 -16.63 -3.18 -12.39
N GLU A 436 -16.30 -3.45 -11.11
CA GLU A 436 -16.68 -2.53 -10.02
C GLU A 436 -16.34 -1.10 -10.46
N ASP A 437 -17.33 -0.21 -10.53
CA ASP A 437 -17.10 1.16 -11.05
C ASP A 437 -16.05 1.87 -10.18
N SER A 438 -16.41 2.20 -8.94
CA SER A 438 -15.48 2.96 -8.06
C SER A 438 -15.89 2.81 -6.59
N THR A 439 -14.91 2.68 -5.70
CA THR A 439 -15.19 2.62 -4.24
C THR A 439 -14.13 3.46 -3.51
N PHE A 440 -13.24 4.12 -4.28
CA PHE A 440 -12.13 4.90 -3.67
C PHE A 440 -11.44 4.01 -2.64
N VAL A 441 -11.38 4.46 -1.38
CA VAL A 441 -10.81 3.59 -0.30
C VAL A 441 -11.67 3.81 0.95
N SER A 442 -13.00 3.84 0.79
CA SER A 442 -13.90 3.99 1.95
C SER A 442 -13.58 2.88 2.97
N SER A 443 -13.16 1.70 2.49
CA SER A 443 -12.74 0.61 3.39
C SER A 443 -11.76 1.17 4.44
N LYS A 444 -10.76 1.93 4.00
CA LYS A 444 -9.81 2.55 4.96
C LYS A 444 -9.72 4.06 4.70
N LYS A 445 -10.75 4.79 5.15
CA LYS A 445 -10.76 6.27 5.08
C LYS A 445 -11.62 6.73 6.25
N THR A 446 -11.01 6.92 7.43
CA THR A 446 -11.75 7.33 8.65
C THR A 446 -12.58 8.58 8.36
N PRO A 447 -13.79 8.76 8.93
CA PRO A 447 -14.64 9.92 8.64
C PRO A 447 -13.85 11.23 8.73
N TYR A 448 -12.79 11.27 9.53
CA TYR A 448 -11.92 12.47 9.70
C TYR A 448 -11.07 12.72 8.45
N GLU A 449 -10.84 11.69 7.61
CA GLU A 449 -10.08 11.94 6.36
C GLU A 449 -11.05 12.44 5.28
N GLU A 450 -12.36 12.18 5.46
CA GLU A 450 -13.38 12.66 4.49
C GLU A 450 -13.59 14.17 4.65
N GLN A 451 -13.65 14.67 5.88
CA GLN A 451 -13.79 16.10 6.15
C GLN A 451 -12.63 16.89 5.56
N LEU A 452 -11.40 16.36 5.70
CA LEU A 452 -10.24 17.01 5.12
C LEU A 452 -10.34 17.07 3.60
N HIS A 453 -10.79 15.97 2.99
CA HIS A 453 -10.96 15.95 1.54
C HIS A 453 -11.99 16.97 1.09
N ARG A 454 -13.11 17.05 1.80
CA ARG A 454 -14.16 18.01 1.46
C ARG A 454 -13.66 19.44 1.60
N CYS A 455 -12.94 19.74 2.67
CA CYS A 455 -12.39 21.08 2.86
C CYS A 455 -11.40 21.42 1.76
N GLU A 456 -10.60 20.43 1.36
CA GLU A 456 -9.65 20.65 0.24
C GLU A 456 -10.43 21.00 -1.03
N ASP A 457 -11.40 20.17 -1.42
CA ASP A 457 -12.09 20.44 -2.70
C ASP A 457 -12.78 21.81 -2.60
N GLU A 458 -13.33 22.17 -1.44
CA GLU A 458 -13.95 23.48 -1.29
C GLU A 458 -12.93 24.59 -1.51
N ARG A 459 -11.73 24.42 -0.97
CA ARG A 459 -10.67 25.39 -1.20
C ARG A 459 -10.31 25.46 -2.69
N PHE A 460 -10.20 24.30 -3.34
CA PHE A 460 -9.74 24.26 -4.72
C PHE A 460 -10.70 24.95 -5.67
N GLU A 461 -12.01 24.76 -5.49
CA GLU A 461 -12.97 25.39 -6.39
C GLU A 461 -12.81 26.91 -6.39
N LEU A 462 -12.84 27.50 -5.19
CA LEU A 462 -12.70 28.94 -5.06
C LEU A 462 -11.37 29.41 -5.61
N ASP A 463 -10.29 28.68 -5.31
CA ASP A 463 -8.97 29.12 -5.75
C ASP A 463 -8.85 29.08 -7.27
N VAL A 464 -9.42 28.05 -7.91
CA VAL A 464 -9.28 27.94 -9.36
C VAL A 464 -10.08 29.05 -10.05
N VAL A 465 -11.27 29.37 -9.54
CA VAL A 465 -12.02 30.50 -10.11
C VAL A 465 -11.24 31.79 -9.94
N LEU A 466 -10.69 32.01 -8.74
CA LEU A 466 -9.96 33.24 -8.47
C LEU A 466 -8.74 33.38 -9.38
N GLU A 467 -8.00 32.30 -9.58
CA GLU A 467 -6.79 32.40 -10.37
C GLU A 467 -7.08 32.53 -11.86
N THR A 468 -8.17 31.93 -12.33
CA THR A 468 -8.58 32.20 -13.71
C THR A 468 -8.91 33.68 -13.89
N ASN A 469 -9.67 34.25 -12.95
CA ASN A 469 -9.99 35.67 -13.04
C ASN A 469 -8.73 36.54 -13.01
N LEU A 470 -7.78 36.20 -12.13
CA LEU A 470 -6.58 37.01 -12.00
C LEU A 470 -5.69 36.91 -13.23
N ALA A 471 -5.59 35.71 -13.83
CA ALA A 471 -4.83 35.58 -15.07
C ALA A 471 -5.45 36.38 -16.20
N THR A 472 -6.78 36.36 -16.30
CA THR A 472 -7.43 37.18 -17.32
C THR A 472 -7.19 38.67 -17.07
N ILE A 473 -7.19 39.08 -15.79
CA ILE A 473 -6.91 40.47 -15.45
C ILE A 473 -5.50 40.85 -15.94
N ARG A 474 -4.53 39.98 -15.68
CA ARG A 474 -3.16 40.27 -16.12
C ARG A 474 -3.08 40.36 -17.65
N VAL A 475 -3.76 39.45 -18.36
CA VAL A 475 -3.72 39.48 -19.81
C VAL A 475 -4.30 40.78 -20.35
N LEU A 476 -5.44 41.21 -19.79
CA LEU A 476 -6.06 42.44 -20.24
C LEU A 476 -5.22 43.65 -19.88
N GLU A 477 -4.55 43.63 -18.72
CA GLU A 477 -3.66 44.72 -18.37
C GLU A 477 -2.51 44.82 -19.37
N SER A 478 -1.96 43.67 -19.76
CA SER A 478 -0.87 43.68 -20.73
C SER A 478 -1.32 44.20 -22.09
N VAL A 479 -2.49 43.77 -22.56
CA VAL A 479 -2.94 44.25 -23.86
C VAL A 479 -3.28 45.74 -23.81
N GLN A 480 -3.83 46.21 -22.68
CA GLN A 480 -4.09 47.64 -22.53
C GLN A 480 -2.80 48.44 -22.51
N LYS A 481 -1.76 47.94 -21.83
CA LYS A 481 -0.49 48.64 -21.82
C LYS A 481 0.13 48.69 -23.22
N LYS A 482 0.00 47.60 -23.99
CA LYS A 482 0.45 47.62 -25.37
C LYS A 482 -0.34 48.62 -26.20
N LEU A 483 -1.66 48.67 -25.99
CA LEU A 483 -2.52 49.56 -26.77
C LEU A 483 -2.21 51.02 -26.49
N SER A 484 -1.93 51.37 -25.23
CA SER A 484 -1.74 52.77 -24.88
C SER A 484 -0.46 53.37 -25.46
N ARG A 485 0.43 52.54 -26.01
CA ARG A 485 1.74 53.02 -26.46
C ARG A 485 1.81 53.34 -27.96
N MET A 486 0.75 53.11 -28.72
CA MET A 486 0.80 53.30 -30.16
C MET A 486 -0.08 54.47 -30.59
N ALA A 487 -0.02 54.77 -31.89
CA ALA A 487 -0.63 55.98 -32.43
C ALA A 487 -2.15 55.93 -32.33
N PRO A 488 -2.80 57.07 -32.13
CA PRO A 488 -4.28 57.07 -32.01
C PRO A 488 -4.98 56.71 -33.29
N GLU A 489 -4.41 57.00 -34.45
CA GLU A 489 -5.04 56.61 -35.71
C GLU A 489 -4.92 55.12 -35.98
N ASP A 490 -4.09 54.40 -35.24
CA ASP A 490 -3.96 52.96 -35.37
C ASP A 490 -4.73 52.19 -34.31
N GLN A 491 -5.13 52.85 -33.22
CA GLN A 491 -5.83 52.14 -32.15
C GLN A 491 -7.16 51.57 -32.62
N GLU A 492 -7.93 52.35 -33.39
CA GLU A 492 -9.18 51.84 -33.92
C GLU A 492 -8.97 50.71 -34.91
N LYS A 493 -7.76 50.54 -35.43
CA LYS A 493 -7.41 49.45 -36.31
C LYS A 493 -6.90 48.22 -35.56
N PHE A 494 -6.71 48.31 -34.25
CA PHE A 494 -6.29 47.16 -33.47
C PHE A 494 -7.48 46.25 -33.19
N ARG A 495 -7.27 44.95 -33.27
CA ARG A 495 -8.31 43.96 -33.02
C ARG A 495 -7.74 42.80 -32.22
N LEU A 496 -8.64 41.99 -31.68
CA LEU A 496 -8.28 40.83 -30.88
C LEU A 496 -8.98 39.59 -31.42
N ASP A 497 -8.32 38.44 -31.26
CA ASP A 497 -8.88 37.17 -31.69
C ASP A 497 -9.55 36.48 -30.49
N ASP A 498 -9.97 35.22 -30.68
CA ASP A 498 -10.67 34.51 -29.61
C ASP A 498 -9.75 34.15 -28.46
N SER A 499 -8.43 34.31 -28.62
CA SER A 499 -7.52 34.17 -27.49
C SER A 499 -7.52 35.42 -26.62
N LEU A 500 -8.05 36.54 -27.12
CA LEU A 500 -8.20 37.78 -26.34
C LEU A 500 -6.87 38.27 -25.80
N GLY A 501 -5.80 38.10 -26.57
CA GLY A 501 -4.49 38.55 -26.19
C GLY A 501 -3.68 37.52 -25.42
N GLY A 502 -4.29 36.49 -24.88
CA GLY A 502 -3.59 35.45 -24.17
C GLY A 502 -3.10 34.35 -25.10
N THR A 503 -2.46 33.35 -24.51
CA THR A 503 -1.96 32.21 -25.25
C THR A 503 -2.96 31.06 -25.33
N SER A 504 -4.17 31.24 -24.80
CA SER A 504 -5.19 30.20 -24.81
C SER A 504 -6.47 30.75 -25.42
N GLU A 505 -7.17 29.88 -26.15
CA GLU A 505 -8.40 30.25 -26.83
C GLU A 505 -9.65 30.04 -25.98
N VAL A 506 -9.49 29.57 -24.74
CA VAL A 506 -10.62 29.16 -23.91
C VAL A 506 -10.64 29.91 -22.58
N ILE A 507 -9.48 30.07 -21.95
CA ILE A 507 -9.45 30.48 -20.54
C ILE A 507 -10.02 31.89 -20.36
N GLN A 508 -9.59 32.84 -21.20
CA GLN A 508 -10.08 34.20 -21.06
C GLN A 508 -11.58 34.28 -21.29
N ARG A 509 -12.07 33.57 -22.31
CA ARG A 509 -13.51 33.52 -22.55
C ARG A 509 -14.23 32.84 -21.40
N ARG A 510 -13.61 31.85 -20.77
CA ARG A 510 -14.22 31.22 -19.60
C ARG A 510 -14.38 32.21 -18.46
N ALA A 511 -13.34 33.01 -18.19
CA ALA A 511 -13.42 34.00 -17.12
C ALA A 511 -14.49 35.04 -17.43
N ILE A 512 -14.54 35.51 -18.67
CA ILE A 512 -15.54 36.52 -19.04
C ILE A 512 -16.95 35.95 -18.94
N TYR A 513 -17.11 34.69 -19.34
CA TYR A 513 -18.41 34.03 -19.21
C TYR A 513 -18.82 33.93 -17.76
N ARG A 514 -17.90 33.56 -16.88
CA ARG A 514 -18.21 33.47 -15.46
C ARG A 514 -18.61 34.82 -14.90
N ILE A 515 -17.94 35.89 -15.34
CA ILE A 515 -18.26 37.22 -14.81
C ILE A 515 -19.62 37.69 -15.31
N TYR A 516 -19.91 37.49 -16.60
CA TYR A 516 -21.03 38.19 -17.23
C TYR A 516 -22.25 37.32 -17.51
N GLY A 517 -22.22 36.03 -17.21
CA GLY A 517 -23.41 35.22 -17.43
C GLY A 517 -23.75 35.12 -18.90
N ASP A 518 -25.03 35.35 -19.22
CA ASP A 518 -25.51 35.21 -20.59
C ASP A 518 -25.04 36.34 -21.50
N LYS A 519 -24.72 37.50 -20.93
CA LYS A 519 -24.26 38.64 -21.71
C LYS A 519 -22.80 38.51 -22.14
N ALA A 520 -22.19 37.34 -21.93
CA ALA A 520 -20.78 37.16 -22.29
C ALA A 520 -20.50 37.32 -23.78
N PRO A 521 -21.27 36.72 -24.70
CA PRO A 521 -20.94 36.87 -26.13
C PRO A 521 -20.91 38.31 -26.61
N GLU A 522 -21.81 39.16 -26.14
CA GLU A 522 -21.79 40.56 -26.56
C GLU A 522 -20.52 41.26 -26.09
N ILE A 523 -20.12 41.03 -24.85
CA ILE A 523 -18.89 41.62 -24.34
C ILE A 523 -17.68 41.09 -25.09
N ILE A 524 -17.71 39.80 -25.44
CA ILE A 524 -16.57 39.21 -26.16
C ILE A 524 -16.47 39.80 -27.55
N GLU A 525 -17.60 39.96 -28.25
CA GLU A 525 -17.59 40.59 -29.56
C GLU A 525 -17.12 42.04 -29.47
N SER A 526 -17.53 42.75 -28.42
CA SER A 526 -17.06 44.13 -28.23
C SER A 526 -15.55 44.16 -28.01
N LEU A 527 -15.03 43.22 -27.22
CA LEU A 527 -13.59 43.18 -26.95
C LEU A 527 -12.80 42.85 -28.22
N LYS A 528 -13.30 41.91 -29.02
CA LYS A 528 -12.60 41.55 -30.25
C LYS A 528 -12.67 42.66 -31.29
N LYS A 529 -13.83 43.29 -31.47
CA LYS A 529 -14.02 44.30 -32.49
C LYS A 529 -13.40 45.64 -32.10
N ASN A 530 -13.74 46.15 -30.92
CA ASN A 530 -13.31 47.48 -30.47
C ASN A 530 -12.62 47.33 -29.12
N PRO A 531 -11.34 46.94 -29.12
CA PRO A 531 -10.64 46.77 -27.84
C PRO A 531 -10.40 48.05 -27.07
N VAL A 532 -10.20 49.18 -27.77
CA VAL A 532 -9.75 50.39 -27.10
C VAL A 532 -10.79 50.88 -26.09
N THR A 533 -12.06 50.90 -26.49
CA THR A 533 -13.12 51.36 -25.61
C THR A 533 -13.64 50.29 -24.66
N ALA A 534 -13.48 49.01 -25.00
CA ALA A 534 -14.07 47.94 -24.22
C ALA A 534 -13.13 47.35 -23.17
N VAL A 535 -11.81 47.45 -23.35
CA VAL A 535 -10.89 46.82 -22.41
C VAL A 535 -10.97 47.43 -21.01
N PRO A 536 -10.91 48.76 -20.82
CA PRO A 536 -10.89 49.29 -19.45
C PRO A 536 -12.11 48.95 -18.61
N VAL A 537 -13.30 48.92 -19.20
CA VAL A 537 -14.49 48.62 -18.40
C VAL A 537 -14.49 47.16 -17.96
N VAL A 538 -14.06 46.25 -18.84
CA VAL A 538 -13.95 44.85 -18.46
C VAL A 538 -12.90 44.69 -17.37
N LEU A 539 -11.79 45.40 -17.49
CA LEU A 539 -10.75 45.34 -16.47
C LEU A 539 -11.27 45.83 -15.12
N LYS A 540 -12.03 46.92 -15.12
CA LYS A 540 -12.59 47.45 -13.88
C LYS A 540 -13.52 46.43 -13.23
N ARG A 541 -14.42 45.84 -14.03
CA ARG A 541 -15.34 44.85 -13.48
C ARG A 541 -14.60 43.65 -12.91
N LEU A 542 -13.59 43.16 -13.63
CA LEU A 542 -12.82 42.02 -13.16
C LEU A 542 -12.08 42.35 -11.87
N LYS A 543 -11.52 43.55 -11.76
CA LYS A 543 -10.81 43.93 -10.55
C LYS A 543 -11.74 44.01 -9.35
N ALA A 544 -12.93 44.59 -9.54
CA ALA A 544 -13.89 44.67 -8.45
C ALA A 544 -14.29 43.27 -7.98
N LYS A 545 -14.58 42.38 -8.94
CA LYS A 545 -14.94 41.02 -8.56
C LYS A 545 -13.78 40.31 -7.87
N GLU A 546 -12.55 40.58 -8.30
CA GLU A 546 -11.38 39.98 -7.68
C GLU A 546 -11.25 40.41 -6.22
N GLU A 547 -11.45 41.70 -5.95
CA GLU A 547 -11.34 42.17 -4.57
C GLU A 547 -12.43 41.56 -3.69
N GLU A 548 -13.67 41.53 -4.18
CA GLU A 548 -14.76 40.94 -3.39
C GLU A 548 -14.49 39.47 -3.11
N TRP A 549 -14.05 38.73 -4.13
CA TRP A 549 -13.75 37.32 -3.94
C TRP A 549 -12.57 37.11 -3.00
N ARG A 550 -11.58 38.00 -3.03
CA ARG A 550 -10.45 37.87 -2.13
C ARG A 550 -10.87 38.04 -0.68
N GLU A 551 -11.73 39.03 -0.38
CA GLU A 551 -12.16 39.18 1.01
C GLU A 551 -13.04 38.01 1.44
N ALA A 552 -13.90 37.52 0.55
CA ALA A 552 -14.69 36.34 0.88
C ALA A 552 -13.78 35.14 1.15
N GLN A 553 -12.70 35.00 0.37
CA GLN A 553 -11.76 33.91 0.60
C GLN A 553 -11.03 34.07 1.91
N GLN A 554 -10.74 35.30 2.33
CA GLN A 554 -10.13 35.49 3.64
C GLN A 554 -11.04 35.00 4.75
N GLY A 555 -12.34 35.33 4.67
CA GLY A 555 -13.28 34.79 5.64
C GLY A 555 -13.36 33.28 5.61
N PHE A 556 -13.41 32.70 4.41
CA PHE A 556 -13.50 31.26 4.28
C PHE A 556 -12.23 30.58 4.78
N ASN A 557 -11.06 31.21 4.60
CA ASN A 557 -9.83 30.70 5.16
C ASN A 557 -9.88 30.68 6.68
N LYS A 558 -10.45 31.74 7.28
CA LYS A 558 -10.63 31.74 8.73
C LYS A 558 -11.50 30.56 9.17
N ILE A 559 -12.58 30.29 8.43
CA ILE A 559 -13.46 29.19 8.83
C ILE A 559 -12.79 27.83 8.60
N TRP A 560 -12.07 27.67 7.49
CA TRP A 560 -11.48 26.38 7.13
C TRP A 560 -10.44 25.93 8.15
N ARG A 561 -9.69 26.88 8.71
CA ARG A 561 -8.81 26.56 9.83
C ARG A 561 -9.65 26.02 10.99
N GLU A 562 -8.96 25.47 11.99
CA GLU A 562 -9.56 24.79 13.14
C GLU A 562 -10.54 23.70 12.72
N GLN A 563 -10.59 23.39 11.42
CA GLN A 563 -11.12 22.12 10.94
C GLN A 563 -10.00 21.16 10.55
N TYR A 564 -8.96 21.70 9.89
CA TYR A 564 -7.72 20.96 9.75
C TYR A 564 -7.15 20.60 11.12
N GLU A 565 -7.19 21.54 12.06
CA GLU A 565 -6.67 21.29 13.40
C GLU A 565 -7.47 20.19 14.10
N LYS A 566 -8.79 20.20 13.96
CA LYS A 566 -9.62 19.18 14.59
C LYS A 566 -9.60 17.85 13.86
N ALA A 567 -9.12 17.80 12.62
CA ALA A 567 -9.20 16.58 11.83
C ALA A 567 -7.87 15.89 11.55
N TYR A 568 -6.75 16.61 11.62
CA TYR A 568 -5.49 16.07 11.12
C TYR A 568 -5.03 14.85 11.92
N LEU A 569 -4.81 15.02 13.22
CA LEU A 569 -4.27 13.92 14.02
C LEU A 569 -5.24 12.74 14.09
N LYS A 570 -6.54 13.00 14.08
CA LYS A 570 -7.50 11.92 14.06
C LYS A 570 -7.57 11.21 12.71
N SER A 571 -7.15 11.89 11.63
CA SER A 571 -7.18 11.26 10.32
C SER A 571 -6.04 10.24 10.16
N LEU A 572 -4.92 10.45 10.84
CA LEU A 572 -3.78 9.55 10.73
C LEU A 572 -3.88 8.33 11.64
N ASP A 573 -4.81 8.31 12.59
CA ASP A 573 -4.93 7.19 13.52
C ASP A 573 -6.03 6.27 13.02
N HIS A 574 -5.65 5.23 12.28
CA HIS A 574 -6.59 4.36 11.59
C HIS A 574 -7.13 3.22 12.44
N GLN A 575 -6.69 3.09 13.69
CA GLN A 575 -6.97 1.88 14.44
C GLN A 575 -7.71 2.08 15.75
N ALA A 576 -7.85 3.31 16.24
CA ALA A 576 -8.40 3.52 17.58
C ALA A 576 -9.81 2.95 17.71
N VAL A 577 -10.68 3.23 16.74
CA VAL A 577 -12.06 2.77 16.84
C VAL A 577 -12.13 1.25 16.82
N ASN A 578 -11.36 0.61 15.94
CA ASN A 578 -11.28 -0.85 15.93
C ASN A 578 -10.58 -1.36 17.18
N PHE A 579 -9.47 -0.70 17.56
CA PHE A 579 -8.60 -1.23 18.61
C PHE A 579 -9.31 -1.28 19.96
N LYS A 580 -10.12 -0.26 20.26
CA LYS A 580 -10.75 -0.23 21.59
C LYS A 580 -11.61 -1.48 21.82
N GLN A 581 -12.51 -1.78 20.90
CA GLN A 581 -13.37 -2.96 21.04
C GLN A 581 -12.57 -4.26 20.89
N ASN A 582 -11.64 -4.30 19.93
CA ASN A 582 -10.86 -5.52 19.73
C ASN A 582 -10.05 -5.87 20.96
N ASP A 583 -9.51 -4.86 21.65
CA ASP A 583 -8.73 -5.09 22.86
C ASP A 583 -9.63 -5.40 24.04
N THR A 584 -10.79 -4.75 24.13
CA THR A 584 -11.69 -5.04 25.24
C THR A 584 -12.20 -6.48 25.15
N LYS A 585 -12.23 -7.06 23.94
CA LYS A 585 -12.51 -8.48 23.85
C LYS A 585 -11.26 -9.35 24.02
N ALA A 586 -10.14 -8.96 23.43
CA ALA A 586 -8.99 -9.85 23.31
C ALA A 586 -8.38 -10.23 24.66
N LEU A 587 -8.77 -9.56 25.74
CA LEU A 587 -8.18 -9.80 27.06
C LEU A 587 -9.04 -10.68 27.96
N ARG A 588 -10.20 -11.14 27.49
CA ARG A 588 -11.01 -12.03 28.31
C ARG A 588 -10.29 -13.35 28.54
N SER A 589 -10.61 -13.99 29.65
CA SER A 589 -9.97 -15.26 30.00
C SER A 589 -10.20 -16.32 28.94
N LYS A 590 -11.42 -16.38 28.39
CA LYS A 590 -11.72 -17.40 27.40
C LYS A 590 -10.90 -17.18 26.12
N SER A 591 -10.70 -15.93 25.72
CA SER A 591 -9.90 -15.65 24.54
C SER A 591 -8.45 -16.06 24.74
N LEU A 592 -7.87 -15.73 25.90
CA LEU A 592 -6.50 -16.13 26.19
C LEU A 592 -6.38 -17.65 26.22
N LEU A 593 -7.36 -18.33 26.80
CA LEU A 593 -7.33 -19.80 26.83
C LEU A 593 -7.40 -20.37 25.42
N ASN A 594 -8.26 -19.81 24.57
CA ASN A 594 -8.38 -20.29 23.19
C ASN A 594 -7.10 -20.07 22.41
N GLU A 595 -6.41 -18.95 22.65
CA GLU A 595 -5.17 -18.67 21.91
C GLU A 595 -4.11 -19.73 22.11
N ILE A 596 -4.12 -20.41 23.25
CA ILE A 596 -3.14 -21.48 23.48
C ILE A 596 -3.74 -22.87 23.18
N GLU A 597 -5.05 -23.03 23.36
CA GLU A 597 -5.69 -24.30 23.01
C GLU A 597 -5.58 -24.57 21.52
N SER A 598 -5.75 -23.53 20.69
CA SER A 598 -5.63 -23.72 19.25
C SER A 598 -4.22 -24.17 18.85
N VAL A 599 -3.19 -23.57 19.46
CA VAL A 599 -1.82 -23.97 19.16
C VAL A 599 -1.58 -25.40 19.62
N TYR A 600 -2.11 -25.76 20.80
CA TYR A 600 -1.98 -27.14 21.27
C TYR A 600 -2.62 -28.11 20.30
N ASP A 601 -3.81 -27.77 19.78
CA ASP A 601 -4.48 -28.63 18.82
C ASP A 601 -3.70 -28.75 17.52
N GLU A 602 -3.11 -27.64 17.05
CA GLU A 602 -2.30 -27.71 15.84
C GLU A 602 -1.10 -28.64 16.03
N HIS A 603 -0.42 -28.52 17.17
CA HIS A 603 0.72 -29.39 17.43
C HIS A 603 0.29 -30.84 17.58
N GLN A 604 -0.88 -31.08 18.17
CA GLN A 604 -1.39 -32.44 18.30
C GLN A 604 -1.68 -33.04 16.93
N GLU A 605 -2.28 -32.26 16.03
CA GLU A 605 -2.54 -32.74 14.68
C GLU A 605 -1.23 -33.02 13.94
N GLN A 606 -0.23 -32.17 14.13
CA GLN A 606 1.07 -32.42 13.52
C GLN A 606 1.68 -33.71 14.03
N HIS A 607 1.59 -33.96 15.34
CA HIS A 607 2.08 -35.22 15.90
C HIS A 607 1.31 -36.40 15.35
N SER A 608 -0.01 -36.24 15.16
CA SER A 608 -0.81 -37.32 14.58
C SER A 608 -0.36 -37.65 13.16
N GLU A 609 -0.11 -36.62 12.35
CA GLU A 609 0.41 -36.83 11.01
C GLU A 609 1.87 -37.25 11.00
N GLY A 610 2.55 -37.18 12.14
CA GLY A 610 3.91 -37.66 12.23
C GLY A 610 4.96 -36.80 11.58
N ARG A 611 4.67 -35.52 11.35
CA ARG A 611 5.63 -34.65 10.70
C ARG A 611 6.84 -34.40 11.59
N SER A 612 7.95 -34.03 10.95
CA SER A 612 9.24 -33.93 11.64
C SER A 612 9.24 -32.66 12.48
N ALA A 613 8.68 -32.75 13.69
CA ALA A 613 8.68 -31.66 14.64
C ALA A 613 9.02 -32.21 16.03
N PRO A 614 10.04 -31.66 16.68
CA PRO A 614 10.43 -32.18 18.00
C PRO A 614 9.34 -31.96 19.03
N SER A 615 9.21 -32.92 19.95
CA SER A 615 8.21 -32.84 21.01
C SER A 615 8.76 -32.20 22.28
N SER A 616 9.38 -31.04 22.15
CA SER A 616 9.81 -30.28 23.31
C SER A 616 9.66 -28.77 23.14
N GLU A 617 9.12 -28.29 22.03
CA GLU A 617 9.04 -26.87 21.79
C GLU A 617 7.87 -26.26 22.58
N PRO A 618 8.01 -25.03 23.05
CA PRO A 618 6.89 -24.38 23.74
C PRO A 618 5.86 -23.87 22.75
N HIS A 619 4.61 -23.78 23.22
CA HIS A 619 3.51 -23.36 22.36
C HIS A 619 3.51 -21.86 22.15
N LEU A 620 3.85 -21.08 23.18
CA LEU A 620 3.86 -19.62 23.08
C LEU A 620 5.15 -19.09 23.67
N ILE A 621 5.65 -18.00 23.10
CA ILE A 621 6.91 -17.38 23.52
C ILE A 621 6.73 -15.87 23.58
N PHE A 622 7.18 -15.26 24.68
CA PHE A 622 7.12 -13.82 24.84
C PHE A 622 8.43 -13.33 25.44
N VAL A 623 8.74 -12.05 25.22
CA VAL A 623 10.02 -11.48 25.64
C VAL A 623 9.76 -10.26 26.53
N TYR A 624 10.45 -10.21 27.66
CA TYR A 624 10.57 -9.02 28.49
C TYR A 624 11.97 -8.45 28.26
N GLU A 625 12.05 -7.17 27.89
CA GLU A 625 13.32 -6.58 27.48
C GLU A 625 13.84 -5.52 28.43
N ASP A 626 13.22 -5.33 29.59
CA ASP A 626 13.68 -4.30 30.52
C ASP A 626 13.13 -4.58 31.91
N ARG A 627 13.99 -4.43 32.92
CA ARG A 627 13.53 -4.52 34.30
C ARG A 627 12.85 -3.24 34.76
N GLN A 628 13.28 -2.09 34.23
CA GLN A 628 12.66 -0.83 34.62
C GLN A 628 11.18 -0.83 34.24
N ILE A 629 10.85 -1.38 33.08
CA ILE A 629 9.46 -1.55 32.70
C ILE A 629 8.75 -2.45 33.70
N LEU A 630 9.45 -3.45 34.24
CA LEU A 630 8.85 -4.35 35.21
C LEU A 630 8.46 -3.61 36.48
N GLU A 631 9.39 -2.83 37.06
CA GLU A 631 9.01 -2.13 38.28
C GLU A 631 8.00 -1.02 37.99
N ASP A 632 8.04 -0.43 36.79
CA ASP A 632 7.00 0.54 36.44
C ASP A 632 5.62 -0.09 36.41
N ALA A 633 5.50 -1.26 35.79
CA ALA A 633 4.22 -1.96 35.76
C ALA A 633 3.78 -2.38 37.15
N ALA A 634 4.71 -2.88 37.96
CA ALA A 634 4.38 -3.26 39.34
C ALA A 634 3.91 -2.05 40.13
N ALA A 635 4.56 -0.90 39.94
CA ALA A 635 4.14 0.32 40.63
C ALA A 635 2.75 0.74 40.19
N LEU A 636 2.44 0.63 38.89
CA LEU A 636 1.11 0.96 38.42
C LEU A 636 0.04 0.07 39.04
N ILE A 637 0.29 -1.24 39.04
CA ILE A 637 -0.69 -2.18 39.58
C ILE A 637 -0.87 -1.98 41.07
N SER A 638 0.24 -1.76 41.79
CA SER A 638 0.15 -1.47 43.23
C SER A 638 -0.62 -0.18 43.48
N TYR A 639 -0.39 0.84 42.65
CA TYR A 639 -1.10 2.10 42.78
C TYR A 639 -2.59 1.90 42.63
N TYR A 640 -3.01 1.11 41.65
CA TYR A 640 -4.43 0.85 41.48
C TYR A 640 -4.99 0.03 42.63
N VAL A 641 -4.24 -0.97 43.10
CA VAL A 641 -4.78 -1.91 44.08
C VAL A 641 -4.85 -1.27 45.47
N LYS A 642 -3.96 -0.32 45.76
CA LYS A 642 -3.97 0.32 47.08
C LYS A 642 -5.18 1.19 47.29
N ARG A 643 -5.86 1.61 46.23
CA ARG A 643 -7.06 2.42 46.31
C ARG A 643 -8.33 1.61 46.14
N GLN A 644 -8.29 0.32 46.48
CA GLN A 644 -9.45 -0.55 46.31
C GLN A 644 -10.25 -0.61 47.59
N PRO A 645 -11.58 -0.45 47.54
CA PRO A 645 -12.38 -0.56 48.77
C PRO A 645 -12.69 -1.99 49.18
N ALA A 646 -12.74 -2.93 48.25
CA ALA A 646 -13.13 -4.30 48.55
C ALA A 646 -11.96 -5.21 48.87
N ILE A 647 -10.74 -4.68 48.89
CA ILE A 647 -9.54 -5.47 49.17
C ILE A 647 -9.02 -5.03 50.53
N GLN A 648 -8.90 -5.99 51.45
CA GLN A 648 -8.59 -5.69 52.84
C GLN A 648 -7.08 -5.54 53.03
N LYS A 649 -6.70 -4.89 54.14
CA LYS A 649 -5.31 -4.55 54.39
C LYS A 649 -4.42 -5.80 54.37
N GLU A 650 -4.91 -6.90 54.94
CA GLU A 650 -4.16 -8.14 54.86
C GLU A 650 -3.99 -8.59 53.41
N ASP A 651 -5.06 -8.47 52.62
CA ASP A 651 -4.96 -8.81 51.20
C ASP A 651 -4.07 -7.82 50.44
N GLN A 652 -4.09 -6.55 50.83
CA GLN A 652 -3.17 -5.60 50.22
C GLN A 652 -1.72 -6.00 50.47
N GLY A 653 -1.40 -6.38 51.71
CA GLY A 653 -0.06 -6.84 52.00
C GLY A 653 0.29 -8.11 51.24
N THR A 654 -0.66 -9.04 51.15
CA THR A 654 -0.42 -10.28 50.41
C THR A 654 -0.14 -10.00 48.95
N ILE A 655 -0.91 -9.11 48.32
CA ILE A 655 -0.68 -8.76 46.92
C ILE A 655 0.65 -8.05 46.77
N HIS A 656 1.04 -7.24 47.76
CA HIS A 656 2.35 -6.60 47.71
C HIS A 656 3.46 -7.64 47.69
N GLN A 657 3.36 -8.65 48.56
CA GLN A 657 4.37 -9.71 48.55
C GLN A 657 4.36 -10.47 47.23
N LEU A 658 3.18 -10.74 46.70
CA LEU A 658 3.09 -11.46 45.42
C LEU A 658 3.73 -10.66 44.29
N LEU A 659 3.52 -9.35 44.27
CA LEU A 659 3.86 -8.54 43.11
C LEU A 659 5.32 -8.07 43.16
N HIS A 660 5.77 -7.58 44.31
CA HIS A 660 7.10 -7.00 44.40
C HIS A 660 8.16 -7.97 44.89
N GLN A 661 7.78 -9.14 45.41
CA GLN A 661 8.74 -10.13 45.87
C GLN A 661 8.72 -11.41 45.05
N PHE A 662 7.57 -12.07 44.94
CA PHE A 662 7.54 -13.38 44.30
C PHE A 662 7.76 -13.28 42.79
N VAL A 663 7.07 -12.36 42.12
CA VAL A 663 7.21 -12.25 40.66
C VAL A 663 8.62 -11.86 40.25
N PRO A 664 9.27 -10.87 40.85
CA PRO A 664 10.68 -10.62 40.50
C PRO A 664 11.58 -11.82 40.77
N SER A 665 11.27 -12.61 41.80
CA SER A 665 12.04 -13.84 42.05
C SER A 665 11.85 -14.84 40.92
N LEU A 666 10.63 -14.93 40.38
CA LEU A 666 10.39 -15.81 39.24
C LEU A 666 11.17 -15.36 38.01
N PHE A 667 11.21 -14.06 37.77
CA PHE A 667 12.02 -13.50 36.69
C PHE A 667 13.49 -13.34 37.07
N PHE A 668 13.86 -13.79 38.28
CA PHE A 668 15.23 -13.72 38.77
C PHE A 668 15.76 -12.29 38.84
N SER A 669 14.94 -11.37 39.35
CA SER A 669 15.38 -10.02 39.66
C SER A 669 15.97 -9.90 41.06
N GLN A 670 15.82 -10.93 41.89
CA GLN A 670 16.36 -10.93 43.24
C GLN A 670 17.40 -12.03 43.41
N ASP A 737 25.30 -16.53 31.53
CA ASP A 737 23.88 -16.64 31.23
C ASP A 737 23.41 -18.09 31.26
N ASP A 738 22.41 -18.41 30.45
CA ASP A 738 21.83 -19.75 30.37
C ASP A 738 21.37 -20.22 31.75
N VAL A 739 20.54 -19.42 32.39
CA VAL A 739 19.97 -19.74 33.70
C VAL A 739 18.45 -19.67 33.57
N TYR A 740 17.79 -20.78 33.85
CA TYR A 740 16.35 -20.89 33.62
C TYR A 740 15.61 -21.11 34.93
N SER A 741 14.30 -20.84 34.88
CA SER A 741 13.38 -21.13 35.97
C SER A 741 12.16 -21.85 35.42
N LEU A 742 11.69 -22.84 36.17
CA LEU A 742 10.55 -23.67 35.79
C LEU A 742 9.39 -23.39 36.73
N PHE A 743 8.19 -23.27 36.17
CA PHE A 743 7.01 -22.98 36.97
C PHE A 743 5.82 -23.75 36.40
N PHE A 744 5.05 -24.37 37.28
CA PHE A 744 3.86 -25.10 36.88
C PHE A 744 2.64 -24.37 37.42
N ALA A 745 1.75 -23.97 36.52
CA ALA A 745 0.68 -23.04 36.85
C ALA A 745 -0.66 -23.54 36.35
N ASN A 746 -1.72 -23.07 37.00
CA ASN A 746 -3.08 -23.35 36.58
C ASN A 746 -3.57 -22.22 35.66
N ASN A 747 -4.89 -22.17 35.44
CA ASN A 747 -5.47 -21.19 34.51
C ASN A 747 -5.23 -19.76 34.98
N ASN A 748 -5.44 -19.49 36.27
CA ASN A 748 -5.40 -18.12 36.76
C ASN A 748 -4.00 -17.52 36.63
N TRP A 749 -2.97 -18.30 36.98
CA TRP A 749 -1.61 -17.79 36.86
C TRP A 749 -1.24 -17.57 35.40
N TYR A 750 -1.73 -18.42 34.50
CA TYR A 750 -1.53 -18.21 33.07
C TYR A 750 -2.17 -16.90 32.61
N PHE A 751 -3.41 -16.65 33.05
CA PHE A 751 -4.07 -15.40 32.69
C PHE A 751 -3.30 -14.20 33.21
N PHE A 752 -2.85 -14.26 34.47
CA PHE A 752 -2.11 -13.15 35.06
C PHE A 752 -0.81 -12.90 34.31
N LEU A 753 -0.09 -13.97 33.96
CA LEU A 753 1.16 -13.80 33.24
C LEU A 753 0.94 -13.21 31.87
N ARG A 754 -0.13 -13.63 31.19
CA ARG A 754 -0.45 -13.06 29.87
C ARG A 754 -0.74 -11.57 29.99
N LEU A 755 -1.58 -11.18 30.96
CA LEU A 755 -1.93 -9.77 31.11
C LEU A 755 -0.73 -8.92 31.50
N HIS A 756 0.11 -9.44 32.40
CA HIS A 756 1.31 -8.72 32.83
C HIS A 756 2.28 -8.54 31.66
N GLN A 757 2.45 -9.58 30.84
CA GLN A 757 3.30 -9.45 29.66
C GLN A 757 2.76 -8.42 28.68
N THR A 758 1.43 -8.42 28.47
CA THR A 758 0.83 -7.43 27.59
C THR A 758 1.12 -6.01 28.08
N LEU A 759 0.90 -5.77 29.37
CA LEU A 759 1.12 -4.44 29.92
C LEU A 759 2.58 -4.03 29.81
N CYS A 760 3.50 -4.94 30.13
CA CYS A 760 4.93 -4.61 30.04
C CYS A 760 5.34 -4.31 28.61
N SER A 761 4.84 -5.09 27.65
CA SER A 761 5.18 -4.84 26.25
C SER A 761 4.67 -3.47 25.79
N ARG A 762 3.45 -3.11 26.21
CA ARG A 762 2.93 -1.80 25.82
C ARG A 762 3.72 -0.65 26.44
N LEU A 763 4.08 -0.79 27.73
CA LEU A 763 4.89 0.23 28.37
C LEU A 763 6.24 0.38 27.65
N LEU A 764 6.85 -0.75 27.28
CA LEU A 764 8.12 -0.69 26.55
C LEU A 764 7.93 -0.02 25.19
N LYS A 765 6.81 -0.30 24.51
CA LYS A 765 6.57 0.33 23.22
C LYS A 765 6.47 1.83 23.34
N ILE A 766 5.73 2.32 24.35
CA ILE A 766 5.60 3.76 24.55
C ILE A 766 6.96 4.37 24.89
N TYR A 767 7.74 3.70 25.74
CA TYR A 767 9.06 4.21 26.10
C TYR A 767 9.97 4.31 24.89
N ARG A 768 9.99 3.28 24.05
CA ARG A 768 10.81 3.31 22.84
C ARG A 768 10.38 4.40 21.90
N GLN A 769 9.06 4.62 21.78
CA GLN A 769 8.57 5.69 20.92
C GLN A 769 9.04 7.05 21.43
N ALA A 770 8.99 7.26 22.74
CA ALA A 770 9.45 8.54 23.29
C ALA A 770 10.94 8.75 23.03
N GLN A 771 11.75 7.70 23.22
CA GLN A 771 13.17 7.81 22.94
C GLN A 771 13.42 8.14 21.48
N LYS A 772 12.70 7.47 20.57
CA LYS A 772 12.85 7.74 19.15
C LYS A 772 12.47 9.17 18.80
N GLN A 773 11.38 9.67 19.39
CA GLN A 773 10.96 11.05 19.14
C GLN A 773 12.04 12.03 19.57
N LEU A 774 12.60 11.83 20.75
CA LEU A 774 13.64 12.74 21.24
C LEU A 774 14.86 12.70 20.32
N LEU A 775 15.29 11.50 19.93
CA LEU A 775 16.45 11.39 19.05
C LEU A 775 16.20 12.05 17.71
N GLU A 776 15.03 11.83 17.12
CA GLU A 776 14.71 12.43 15.83
C GLU A 776 14.66 13.95 15.92
N TYR A 777 14.10 14.48 17.01
CA TYR A 777 14.07 15.93 17.17
C TYR A 777 15.48 16.51 17.26
N ARG A 778 16.35 15.88 18.05
CA ARG A 778 17.71 16.39 18.19
C ARG A 778 18.45 16.33 16.85
N THR A 779 18.33 15.22 16.13
CA THR A 779 18.98 15.09 14.84
C THR A 779 18.45 16.11 13.83
N GLU A 780 17.13 16.32 13.83
CA GLU A 780 16.54 17.28 12.90
C GLU A 780 16.99 18.70 13.20
N LYS A 781 17.10 19.05 14.49
CA LYS A 781 17.62 20.36 14.86
C LYS A 781 19.05 20.53 14.37
N GLU A 782 19.88 19.52 14.62
CA GLU A 782 21.28 19.60 14.19
C GLU A 782 21.39 19.72 12.67
N ARG A 783 20.56 19.00 11.93
CA ARG A 783 20.59 19.05 10.47
C ARG A 783 20.11 20.40 9.96
N GLU A 784 18.96 20.87 10.44
CA GLU A 784 18.39 22.12 9.92
C GLU A 784 19.19 23.33 10.36
N LYS A 785 19.99 23.22 11.41
CA LYS A 785 20.86 24.38 11.78
C LYS A 785 21.87 24.59 10.65
N LEU A 786 22.43 23.51 10.12
CA LEU A 786 23.47 23.62 9.07
C LEU A 786 22.82 23.50 7.70
N LEU A 787 22.20 24.57 7.22
CA LEU A 787 21.50 24.52 5.91
C LEU A 787 21.64 25.86 5.17
N CYS A 788 22.32 25.86 4.01
CA CYS A 788 22.41 27.10 3.19
C CYS A 788 21.19 27.13 2.26
N GLU A 789 20.41 26.05 2.20
CA GLU A 789 19.17 25.98 1.40
C GLU A 789 19.47 26.20 -0.09
N GLY A 790 18.81 27.18 -0.72
CA GLY A 790 18.98 27.43 -2.16
C GLY A 790 20.37 27.95 -2.52
N ARG A 791 21.25 28.15 -1.54
CA ARG A 791 22.60 28.57 -1.91
C ARG A 791 23.44 27.42 -2.45
N ARG A 792 22.93 26.19 -2.40
CA ARG A 792 23.68 25.02 -2.84
C ARG A 792 23.43 24.79 -4.32
N GLU A 793 23.87 25.75 -5.13
CA GLU A 793 23.71 25.66 -6.57
C GLU A 793 25.04 25.32 -7.25
N LEU A 802 -0.32 31.69 10.80
CA LEU A 802 1.10 31.62 11.13
C LEU A 802 1.55 30.16 11.24
N ARG A 803 2.04 29.77 12.41
CA ARG A 803 2.58 28.43 12.63
C ARG A 803 2.33 28.03 14.08
N LEU A 804 3.01 26.96 14.51
CA LEU A 804 2.95 26.48 15.88
C LEU A 804 4.36 26.24 16.40
N LYS A 805 4.51 26.39 17.72
CA LYS A 805 5.81 26.28 18.36
C LYS A 805 6.01 24.85 18.87
N GLN A 806 6.97 24.14 18.28
CA GLN A 806 7.24 22.77 18.67
C GLN A 806 7.77 22.72 20.10
N PRO A 807 7.56 21.62 20.81
CA PRO A 807 7.99 21.55 22.22
C PRO A 807 9.51 21.55 22.34
N SER A 808 9.97 22.02 23.50
CA SER A 808 11.39 21.99 23.80
C SER A 808 11.85 20.56 24.06
N GLU A 809 13.18 20.39 24.12
CA GLU A 809 13.73 19.07 24.37
C GLU A 809 13.35 18.54 25.75
N VAL A 810 13.21 19.42 26.73
CA VAL A 810 12.90 19.00 28.10
C VAL A 810 11.54 18.32 28.16
N GLU A 811 10.54 18.90 27.49
CA GLU A 811 9.23 18.26 27.43
C GLU A 811 9.32 16.93 26.71
N LEU A 812 10.18 16.84 25.70
CA LEU A 812 10.32 15.58 24.97
C LEU A 812 10.88 14.48 25.85
N GLU A 813 11.86 14.81 26.70
CA GLU A 813 12.39 13.78 27.60
C GLU A 813 11.50 13.55 28.82
N GLU A 814 10.59 14.48 29.13
CA GLU A 814 9.66 14.29 30.23
C GLU A 814 8.32 13.71 29.79
N TYR A 815 8.15 13.44 28.49
CA TYR A 815 6.93 12.83 27.99
C TYR A 815 6.57 11.54 28.74
N TYR A 816 7.53 10.63 28.89
CA TYR A 816 7.23 9.33 29.48
C TYR A 816 6.80 9.41 30.94
N PRO A 817 7.50 10.12 31.84
CA PRO A 817 6.94 10.31 33.19
C PRO A 817 5.61 11.03 33.18
N ALA A 818 5.41 11.99 32.28
CA ALA A 818 4.10 12.61 32.14
C ALA A 818 3.06 11.59 31.71
N PHE A 819 3.45 10.65 30.85
CA PHE A 819 2.54 9.58 30.44
C PHE A 819 2.16 8.70 31.62
N LEU A 820 3.13 8.35 32.48
CA LEU A 820 2.83 7.55 33.66
C LEU A 820 1.90 8.30 34.61
N ASP A 821 2.15 9.60 34.82
CA ASP A 821 1.25 10.41 35.64
C ASP A 821 -0.15 10.44 35.05
N MET A 822 -0.25 10.54 33.73
CA MET A 822 -1.55 10.53 33.06
C MET A 822 -2.27 9.20 33.27
N VAL A 823 -1.55 8.08 33.21
CA VAL A 823 -2.16 6.78 33.47
C VAL A 823 -2.67 6.71 34.90
N ARG A 824 -1.87 7.20 35.86
CA ARG A 824 -2.31 7.23 37.24
C ARG A 824 -3.57 8.08 37.41
N SER A 825 -3.60 9.24 36.76
CA SER A 825 -4.77 10.11 36.85
C SER A 825 -6.00 9.44 36.27
N LEU A 826 -5.84 8.75 35.14
CA LEU A 826 -6.98 8.03 34.55
C LEU A 826 -7.47 6.93 35.48
N LEU A 827 -6.53 6.20 36.10
CA LEU A 827 -6.93 5.13 37.00
C LEU A 827 -7.70 5.67 38.20
N GLU A 828 -7.25 6.80 38.76
CA GLU A 828 -7.98 7.41 39.86
C GLU A 828 -9.35 7.92 39.45
N GLY A 829 -9.55 8.21 38.16
CA GLY A 829 -10.79 8.78 37.70
C GLY A 829 -10.85 10.29 37.72
N SER A 830 -9.71 10.97 37.91
CA SER A 830 -9.69 12.42 37.95
C SER A 830 -9.68 13.06 36.57
N ILE A 831 -9.36 12.31 35.52
CA ILE A 831 -9.26 12.85 34.17
C ILE A 831 -10.23 12.10 33.28
N ASP A 832 -10.91 12.82 32.40
CA ASP A 832 -11.88 12.20 31.50
C ASP A 832 -11.15 11.35 30.45
N PRO A 833 -11.77 10.25 30.02
CA PRO A 833 -11.16 9.45 28.95
C PRO A 833 -10.92 10.24 27.67
N THR A 834 -11.80 11.19 27.34
CA THR A 834 -11.64 11.95 26.10
C THR A 834 -10.40 12.84 26.16
N GLN A 835 -10.24 13.58 27.25
CA GLN A 835 -9.06 14.44 27.39
C GLN A 835 -7.78 13.60 27.48
N TYR A 836 -7.86 12.46 28.18
CA TYR A 836 -6.71 11.55 28.24
C TYR A 836 -6.30 11.08 26.85
N GLU A 837 -7.28 10.67 26.04
CA GLU A 837 -6.99 10.19 24.69
C GLU A 837 -6.44 11.31 23.82
N ASP A 838 -7.00 12.51 23.93
CA ASP A 838 -6.51 13.62 23.11
C ASP A 838 -5.08 13.99 23.47
N THR A 839 -4.77 14.04 24.76
CA THR A 839 -3.40 14.35 25.18
C THR A 839 -2.44 13.26 24.72
N LEU A 840 -2.85 11.99 24.83
CA LEU A 840 -1.99 10.92 24.36
C LEU A 840 -1.73 11.03 22.86
N ARG A 841 -2.78 11.33 22.08
CA ARG A 841 -2.63 11.46 20.64
C ARG A 841 -1.72 12.62 20.27
N GLU A 842 -1.85 13.74 20.96
CA GLU A 842 -0.98 14.87 20.66
C GLU A 842 0.44 14.65 21.15
N MET A 843 0.64 13.74 22.11
CA MET A 843 1.98 13.45 22.63
C MET A 843 2.73 12.43 21.78
N PHE A 844 2.05 11.39 21.30
CA PHE A 844 2.72 10.26 20.67
C PHE A 844 2.24 9.99 19.25
N THR A 845 1.42 10.88 18.68
CA THR A 845 0.95 10.81 17.29
C THR A 845 0.30 9.46 17.03
N ILE A 846 0.82 8.64 16.11
CA ILE A 846 0.09 7.43 15.68
C ILE A 846 0.37 6.21 16.54
N HIS A 847 1.28 6.30 17.50
CA HIS A 847 1.54 5.20 18.42
C HIS A 847 0.84 5.38 19.76
N ALA A 848 -0.09 6.33 19.86
CA ALA A 848 -0.75 6.62 21.13
C ALA A 848 -1.80 5.57 21.48
N TYR A 849 -2.42 4.95 20.48
CA TYR A 849 -3.52 4.03 20.73
C TYR A 849 -3.09 2.87 21.62
N VAL A 850 -1.78 2.58 21.65
CA VAL A 850 -1.26 1.50 22.48
C VAL A 850 -1.66 1.70 23.94
N GLY A 851 -1.77 2.95 24.38
CA GLY A 851 -2.17 3.24 25.73
C GLY A 851 -3.62 3.63 25.93
N PHE A 852 -4.48 3.41 24.94
CA PHE A 852 -5.86 3.89 25.04
C PHE A 852 -6.67 3.14 26.08
N THR A 853 -6.45 1.83 26.22
CA THR A 853 -7.23 0.99 27.13
C THR A 853 -6.36 0.41 28.25
N MET A 854 -5.47 1.22 28.80
CA MET A 854 -4.55 0.71 29.82
C MET A 854 -5.27 0.47 31.13
N ASP A 855 -6.11 1.40 31.57
CA ASP A 855 -6.74 1.30 32.88
C ASP A 855 -7.51 0.00 33.02
N LYS A 856 -8.37 -0.30 32.04
CA LYS A 856 -9.08 -1.57 32.06
C LYS A 856 -8.12 -2.73 32.20
N LEU A 857 -7.04 -2.73 31.41
CA LEU A 857 -6.03 -3.76 31.52
C LEU A 857 -5.55 -3.89 32.97
N VAL A 858 -5.17 -2.77 33.57
CA VAL A 858 -4.73 -2.80 34.96
C VAL A 858 -5.83 -3.39 35.84
N GLN A 859 -7.06 -2.92 35.64
CA GLN A 859 -8.19 -3.46 36.39
C GLN A 859 -8.23 -4.97 36.27
N ASN A 860 -8.15 -5.48 35.04
CA ASN A 860 -8.15 -6.93 34.83
C ASN A 860 -7.09 -7.59 35.68
N ILE A 861 -5.86 -7.08 35.60
CA ILE A 861 -4.76 -7.69 36.33
C ILE A 861 -5.09 -7.72 37.82
N ALA A 862 -5.62 -6.62 38.34
CA ALA A 862 -5.96 -6.55 39.75
C ALA A 862 -6.84 -7.71 40.14
N ARG A 863 -7.90 -7.96 39.36
CA ARG A 863 -8.82 -9.04 39.69
C ARG A 863 -8.08 -10.36 39.81
N GLN A 864 -7.23 -10.66 38.84
CA GLN A 864 -6.46 -11.90 38.90
C GLN A 864 -5.72 -11.98 40.23
N LEU A 865 -5.00 -10.92 40.58
CA LEU A 865 -4.24 -10.93 41.82
C LEU A 865 -5.15 -11.25 43.00
N HIS A 866 -6.31 -10.60 43.07
CA HIS A 866 -7.21 -10.84 44.18
C HIS A 866 -7.60 -12.31 44.24
N HIS A 867 -7.99 -12.87 43.09
CA HIS A 867 -8.37 -14.28 43.09
C HIS A 867 -7.18 -15.15 43.43
N LEU A 868 -5.98 -14.73 43.02
CA LEU A 868 -4.76 -15.47 43.32
C LEU A 868 -4.51 -15.60 44.82
N VAL A 869 -5.27 -14.89 45.64
CA VAL A 869 -5.19 -15.06 47.09
C VAL A 869 -6.35 -15.89 47.64
N SER A 870 -7.52 -15.83 47.01
CA SER A 870 -8.73 -16.44 47.59
C SER A 870 -8.89 -17.91 47.25
N ASP A 871 -8.17 -18.43 46.26
CA ASP A 871 -8.33 -19.80 45.80
C ASP A 871 -7.18 -20.65 46.34
N ASP A 872 -7.52 -21.68 47.11
CA ASP A 872 -6.51 -22.51 47.75
C ASP A 872 -5.59 -23.17 46.72
N VAL A 873 -6.10 -23.40 45.51
CA VAL A 873 -5.28 -24.02 44.47
C VAL A 873 -4.06 -23.17 44.16
N CYS A 874 -4.25 -21.85 44.06
CA CYS A 874 -3.16 -20.95 43.68
C CYS A 874 -2.09 -20.87 44.77
N LEU A 875 -2.51 -20.72 46.03
CA LEU A 875 -1.52 -20.70 47.11
C LEU A 875 -0.83 -22.04 47.24
N LYS A 876 -1.54 -23.14 47.04
CA LYS A 876 -0.88 -24.44 47.05
C LYS A 876 0.13 -24.54 45.91
N VAL A 877 -0.19 -23.95 44.75
CA VAL A 877 0.74 -23.98 43.63
C VAL A 877 2.02 -23.23 43.96
N VAL A 878 1.89 -22.02 44.52
CA VAL A 878 3.09 -21.24 44.82
C VAL A 878 3.89 -21.89 45.95
N GLU A 879 3.19 -22.47 46.94
CA GLU A 879 3.89 -23.18 48.00
C GLU A 879 4.62 -24.42 47.48
N LEU A 880 4.01 -25.15 46.55
CA LEU A 880 4.70 -26.29 45.95
C LEU A 880 5.91 -25.85 45.16
N TYR A 881 5.80 -24.75 44.42
CA TYR A 881 6.96 -24.22 43.72
C TYR A 881 8.08 -23.87 44.69
N LEU A 882 7.74 -23.19 45.79
CA LEU A 882 8.76 -22.79 46.76
C LEU A 882 9.40 -24.02 47.41
N ASN A 883 8.60 -25.01 47.78
CA ASN A 883 9.13 -26.20 48.42
C ASN A 883 10.04 -26.98 47.48
N GLU A 884 9.66 -27.08 46.21
CA GLU A 884 10.50 -27.80 45.25
C GLU A 884 11.76 -27.00 44.91
N LYS A 885 11.68 -25.68 44.86
CA LYS A 885 12.86 -24.85 44.63
C LYS A 885 13.83 -24.93 45.81
N LYS A 886 13.31 -25.11 47.02
CA LYS A 886 14.18 -25.32 48.17
C LYS A 886 15.09 -26.53 47.96
N ARG A 887 14.61 -27.52 47.21
CA ARG A 887 15.44 -28.64 46.77
C ARG A 887 16.22 -28.31 45.51
N GLY A 888 15.89 -27.22 44.82
CA GLY A 888 16.60 -26.81 43.64
C GLY A 888 16.19 -27.51 42.36
N ALA A 889 15.18 -28.37 42.41
CA ALA A 889 14.78 -29.09 41.20
C ALA A 889 14.03 -28.18 40.24
N ALA A 890 13.14 -27.33 40.75
CA ALA A 890 12.39 -26.42 39.91
C ALA A 890 13.27 -25.22 39.56
N GLY A 891 13.70 -25.15 38.31
CA GLY A 891 14.58 -24.10 37.86
C GLY A 891 16.01 -24.29 38.34
N GLY A 892 16.93 -23.78 37.56
CA GLY A 892 18.34 -23.89 37.86
C GLY A 892 19.18 -23.61 36.63
N ASN A 893 20.45 -23.97 36.74
CA ASN A 893 21.38 -23.76 35.63
C ASN A 893 21.03 -24.67 34.46
N LEU A 894 21.36 -24.18 33.25
CA LEU A 894 20.99 -24.92 32.04
C LEU A 894 21.72 -26.25 31.96
N SER A 895 23.01 -26.27 32.29
CA SER A 895 23.80 -27.50 32.17
C SER A 895 23.31 -28.57 33.14
N SER A 896 22.98 -28.17 34.37
CA SER A 896 22.57 -29.12 35.39
C SER A 896 21.19 -29.73 35.12
N ARG A 897 20.57 -29.40 34.00
CA ARG A 897 19.24 -29.93 33.68
C ARG A 897 19.24 -31.45 33.71
N CYS A 898 20.15 -32.07 32.94
CA CYS A 898 20.24 -33.52 32.93
C CYS A 898 20.64 -34.09 34.28
N VAL A 899 21.27 -33.27 35.14
CA VAL A 899 21.55 -33.71 36.50
C VAL A 899 20.27 -33.81 37.31
N ARG A 900 19.36 -32.85 37.14
CA ARG A 900 18.14 -32.78 37.94
C ARG A 900 16.89 -33.16 37.17
N ALA A 901 17.02 -33.58 35.91
CA ALA A 901 15.85 -33.78 35.04
C ALA A 901 14.82 -34.69 35.69
N ALA A 902 15.26 -35.84 36.20
CA ALA A 902 14.34 -36.77 36.85
C ALA A 902 13.60 -36.09 37.98
N ARG A 903 14.33 -35.34 38.81
CA ARG A 903 13.68 -34.58 39.87
C ARG A 903 12.63 -33.62 39.31
N GLU A 904 12.97 -32.90 38.23
CA GLU A 904 11.99 -32.04 37.59
C GLU A 904 10.75 -32.83 37.21
N THR A 905 10.94 -34.05 36.69
CA THR A 905 9.82 -34.90 36.34
C THR A 905 8.90 -35.09 37.54
N SER A 906 9.48 -35.38 38.71
CA SER A 906 8.69 -35.52 39.92
C SER A 906 7.80 -34.30 40.13
N TYR A 907 8.39 -33.10 40.01
CA TYR A 907 7.61 -31.87 40.15
C TYR A 907 6.40 -31.90 39.24
N GLN A 908 6.62 -32.18 37.95
CA GLN A 908 5.50 -32.22 37.01
C GLN A 908 4.47 -33.24 37.47
N TRP A 909 4.93 -34.41 37.92
CA TRP A 909 4.04 -35.41 38.47
C TRP A 909 3.16 -34.81 39.55
N LYS A 910 3.76 -34.11 40.52
CA LYS A 910 2.97 -33.50 41.58
C LYS A 910 1.95 -32.52 41.00
N ALA A 911 2.37 -31.74 40.00
CA ALA A 911 1.42 -30.83 39.36
C ALA A 911 0.22 -31.59 38.83
N GLU A 912 0.47 -32.71 38.17
CA GLU A 912 -0.63 -33.51 37.62
C GLU A 912 -1.56 -33.99 38.73
N ARG A 913 -1.04 -34.25 39.93
CA ARG A 913 -1.89 -34.73 41.00
C ARG A 913 -2.45 -33.59 41.85
N CYS A 914 -2.16 -32.34 41.51
CA CYS A 914 -2.75 -31.20 42.21
C CYS A 914 -3.81 -30.48 41.38
N MET A 915 -3.75 -30.62 40.06
CA MET A 915 -4.70 -29.98 39.15
C MET A 915 -5.19 -31.01 38.12
N ALA A 916 -5.56 -32.20 38.58
CA ALA A 916 -5.95 -33.28 37.69
C ALA A 916 -7.27 -32.99 36.98
N ASP A 917 -8.01 -31.99 37.42
CA ASP A 917 -9.25 -31.58 36.78
C ASP A 917 -9.11 -30.25 36.05
N GLU A 918 -7.90 -29.70 35.99
CA GLU A 918 -7.67 -28.36 35.47
C GLU A 918 -6.47 -28.38 34.53
N ASN A 919 -6.43 -27.40 33.63
CA ASN A 919 -5.31 -27.30 32.71
C ASN A 919 -4.02 -27.03 33.48
N CYS A 920 -2.95 -27.68 33.05
CA CYS A 920 -1.63 -27.51 33.65
C CYS A 920 -0.71 -26.87 32.63
N PHE A 921 -0.01 -25.82 33.06
CA PHE A 921 0.84 -25.03 32.18
C PHE A 921 2.28 -25.10 32.66
N LYS A 922 3.19 -25.37 31.74
CA LYS A 922 4.63 -25.36 32.01
C LYS A 922 5.19 -24.05 31.48
N VAL A 923 5.80 -23.25 32.37
CA VAL A 923 6.30 -21.93 32.05
C VAL A 923 7.79 -21.90 32.34
N MET A 924 8.57 -21.53 31.34
CA MET A 924 10.03 -21.47 31.45
C MET A 924 10.46 -20.02 31.28
N PHE A 925 11.17 -19.50 32.28
CA PHE A 925 11.75 -18.16 32.22
C PHE A 925 13.25 -18.34 31.96
N LEU A 926 13.69 -17.96 30.77
CA LEU A 926 15.08 -18.09 30.36
C LEU A 926 15.72 -16.71 30.23
N GLN A 927 16.82 -16.50 30.91
CA GLN A 927 17.51 -15.21 30.93
C GLN A 927 18.61 -15.21 29.89
N ARG A 928 18.72 -14.12 29.12
CA ARG A 928 19.73 -14.03 28.09
C ARG A 928 19.96 -12.57 27.71
N LYS A 929 21.18 -12.08 27.95
CA LYS A 929 21.64 -10.79 27.45
C LYS A 929 20.75 -9.64 27.92
N GLY A 930 20.25 -9.75 29.15
CA GLY A 930 19.40 -8.72 29.71
C GLY A 930 17.92 -8.87 29.42
N GLN A 931 17.53 -9.87 28.64
CA GLN A 931 16.13 -10.13 28.37
C GLN A 931 15.69 -11.42 29.05
N VAL A 932 14.37 -11.57 29.20
CA VAL A 932 13.78 -12.73 29.84
C VAL A 932 12.71 -13.28 28.90
N ILE A 933 12.91 -14.51 28.44
CA ILE A 933 11.97 -15.16 27.54
C ILE A 933 11.07 -16.06 28.36
N MET A 934 9.77 -15.80 28.32
CA MET A 934 8.75 -16.61 28.96
C MET A 934 8.14 -17.51 27.91
N THR A 935 8.34 -18.82 28.05
CA THR A 935 7.79 -19.81 27.14
C THR A 935 6.76 -20.63 27.88
N ILE A 936 5.53 -20.64 27.36
CA ILE A 936 4.40 -21.34 27.96
C ILE A 936 4.01 -22.49 27.05
N GLU A 937 3.83 -23.68 27.64
CA GLU A 937 3.31 -24.82 26.91
C GLU A 937 2.23 -25.50 27.74
N LEU A 938 1.19 -25.96 27.07
CA LEU A 938 0.08 -26.64 27.73
C LEU A 938 0.32 -28.14 27.76
N LEU A 939 0.14 -28.74 28.92
CA LEU A 939 0.34 -30.18 29.09
C LEU A 939 -0.93 -30.96 28.74
N GLY B 8 27.97 13.96 -9.34
CA GLY B 8 28.22 15.38 -9.17
C GLY B 8 27.02 16.24 -9.50
N LYS B 9 27.21 17.55 -9.49
CA LYS B 9 26.14 18.48 -9.83
C LYS B 9 26.03 18.60 -11.34
N LYS B 10 24.81 18.43 -11.87
CA LYS B 10 24.58 18.43 -13.34
C LYS B 10 23.47 19.40 -13.73
N LYS B 11 22.96 19.30 -14.96
CA LYS B 11 21.92 20.24 -15.47
C LYS B 11 20.57 19.54 -15.51
N VAL B 12 19.52 20.21 -15.02
CA VAL B 12 18.14 19.62 -15.10
C VAL B 12 17.20 20.63 -15.76
N CYS B 13 16.75 20.33 -16.98
CA CYS B 13 15.78 21.17 -17.67
C CYS B 13 14.40 20.97 -17.06
N TYR B 14 13.69 22.09 -16.88
CA TYR B 14 12.37 22.11 -16.26
C TYR B 14 11.38 22.68 -17.26
N TYR B 15 10.21 22.05 -17.35
CA TYR B 15 9.19 22.46 -18.31
C TYR B 15 7.93 22.85 -17.55
N TYR B 16 7.49 24.09 -17.74
CA TYR B 16 6.30 24.61 -17.07
C TYR B 16 5.62 25.61 -17.98
N ASP B 17 4.30 25.47 -18.11
CA ASP B 17 3.48 26.44 -18.83
C ASP B 17 2.48 27.04 -17.84
N GLY B 18 2.44 28.38 -17.79
CA GLY B 18 1.63 29.06 -16.80
C GLY B 18 0.14 28.81 -16.91
N ASP B 19 -0.33 28.35 -18.07
CA ASP B 19 -1.75 28.15 -18.29
C ASP B 19 -2.26 26.77 -17.87
N ILE B 20 -1.35 25.87 -17.46
CA ILE B 20 -1.76 24.50 -17.20
C ILE B 20 -2.65 24.41 -15.95
N GLY B 21 -2.47 25.32 -15.01
CA GLY B 21 -3.24 25.26 -13.78
C GLY B 21 -4.69 25.67 -13.88
N ASN B 22 -5.09 26.31 -14.99
CA ASN B 22 -6.43 26.86 -15.12
C ASN B 22 -7.43 25.87 -15.70
N TYR B 23 -6.99 24.76 -16.27
CA TYR B 23 -7.88 23.84 -16.93
C TYR B 23 -8.70 23.06 -15.91
N TYR B 24 -10.01 23.10 -16.06
CA TYR B 24 -10.94 22.60 -15.06
C TYR B 24 -11.53 21.28 -15.53
N TYR B 25 -11.30 20.22 -14.76
CA TYR B 25 -11.79 18.90 -15.13
C TYR B 25 -13.29 18.74 -14.86
N GLY B 26 -13.85 19.56 -13.98
CA GLY B 26 -15.24 19.42 -13.59
C GLY B 26 -15.39 19.44 -12.09
N GLN B 27 -16.62 19.65 -11.60
CA GLN B 27 -16.85 19.73 -10.17
C GLN B 27 -16.88 18.33 -9.55
N GLY B 28 -16.10 18.15 -8.48
CA GLY B 28 -16.04 16.88 -7.81
C GLY B 28 -15.16 15.84 -8.47
N HIS B 29 -14.48 16.19 -9.55
CA HIS B 29 -13.59 15.24 -10.21
C HIS B 29 -12.26 15.20 -9.47
N PRO B 30 -11.73 14.01 -9.17
CA PRO B 30 -10.47 13.93 -8.41
C PRO B 30 -9.28 14.52 -9.14
N MET B 31 -9.32 14.62 -10.46
CA MET B 31 -8.17 15.11 -11.21
C MET B 31 -8.17 16.63 -11.25
N LYS B 32 -7.07 17.24 -10.81
CA LYS B 32 -6.95 18.69 -10.71
C LYS B 32 -5.58 19.16 -11.17
N PRO B 33 -5.49 19.79 -12.35
CA PRO B 33 -4.18 20.32 -12.80
C PRO B 33 -3.62 21.41 -11.89
N HIS B 34 -4.46 22.04 -11.07
CA HIS B 34 -4.03 23.06 -10.12
C HIS B 34 -2.78 22.63 -9.35
N ARG B 35 -2.67 21.34 -9.04
CA ARG B 35 -1.52 20.83 -8.28
C ARG B 35 -0.20 21.29 -8.89
N ILE B 36 -0.06 21.18 -10.22
CA ILE B 36 1.18 21.58 -10.87
C ILE B 36 1.52 23.02 -10.51
N ARG B 37 0.52 23.90 -10.60
CA ARG B 37 0.74 25.29 -10.25
C ARG B 37 1.33 25.41 -8.85
N MET B 38 0.70 24.77 -7.87
CA MET B 38 1.20 24.89 -6.50
C MET B 38 2.62 24.37 -6.43
N THR B 39 2.89 23.23 -7.08
CA THR B 39 4.25 22.71 -7.11
C THR B 39 5.21 23.77 -7.60
N HIS B 40 4.90 24.39 -8.74
CA HIS B 40 5.77 25.43 -9.27
C HIS B 40 5.96 26.55 -8.25
N ASN B 41 4.87 26.96 -7.60
CA ASN B 41 4.96 28.02 -6.61
C ASN B 41 5.94 27.64 -5.51
N LEU B 42 5.88 26.40 -5.03
CA LEU B 42 6.81 25.97 -4.00
C LEU B 42 8.25 26.05 -4.50
N LEU B 43 8.49 25.61 -5.74
CA LEU B 43 9.82 25.71 -6.31
C LEU B 43 10.31 27.14 -6.34
N LEU B 44 9.41 28.11 -6.51
CA LEU B 44 9.83 29.50 -6.53
C LEU B 44 10.18 30.01 -5.15
N ASN B 45 9.57 29.47 -4.11
CA ASN B 45 9.77 30.00 -2.77
C ASN B 45 10.85 29.28 -1.99
N TYR B 46 11.40 28.20 -2.54
CA TYR B 46 12.61 27.59 -2.01
C TYR B 46 13.85 28.09 -2.72
N GLY B 47 13.70 29.00 -3.68
CA GLY B 47 14.83 29.48 -4.47
C GLY B 47 15.45 28.43 -5.35
N LEU B 48 14.65 27.52 -5.92
CA LEU B 48 15.15 26.46 -6.78
C LEU B 48 15.15 26.85 -8.25
N TYR B 49 14.65 28.03 -8.60
CA TYR B 49 14.70 28.49 -9.98
C TYR B 49 16.08 28.95 -10.39
N ARG B 50 16.95 29.27 -9.44
CA ARG B 50 18.28 29.79 -9.78
C ARG B 50 19.18 28.67 -10.31
N LYS B 51 19.07 27.47 -9.74
CA LYS B 51 19.92 26.35 -10.13
C LYS B 51 19.30 25.49 -11.22
N MET B 52 18.16 25.91 -11.77
CA MET B 52 17.44 25.13 -12.75
C MET B 52 17.09 26.00 -13.94
N GLU B 53 16.96 25.38 -15.10
CA GLU B 53 16.59 26.09 -16.33
C GLU B 53 15.13 25.80 -16.65
N ILE B 54 14.33 26.85 -16.77
CA ILE B 54 12.89 26.74 -16.93
C ILE B 54 12.55 27.08 -18.38
N TYR B 55 11.79 26.20 -19.01
CA TYR B 55 11.36 26.36 -20.40
C TYR B 55 9.85 26.41 -20.47
N ARG B 56 9.35 26.97 -21.57
CA ARG B 56 7.93 26.95 -21.87
C ARG B 56 7.67 25.89 -22.92
N PRO B 57 6.95 24.82 -22.60
CA PRO B 57 6.79 23.72 -23.57
C PRO B 57 5.98 24.17 -24.78
N HIS B 58 6.46 23.81 -25.96
CA HIS B 58 5.72 24.06 -27.19
C HIS B 58 4.53 23.11 -27.28
N LYS B 59 3.42 23.60 -27.82
CA LYS B 59 2.26 22.75 -28.02
C LYS B 59 2.56 21.68 -29.06
N ALA B 60 2.06 20.48 -28.81
CA ALA B 60 2.30 19.35 -29.71
C ALA B 60 1.21 19.32 -30.76
N THR B 61 1.61 19.30 -32.03
CA THR B 61 0.65 19.22 -33.12
C THR B 61 0.02 17.84 -33.16
N ALA B 62 -1.16 17.75 -33.80
CA ALA B 62 -1.84 16.45 -33.93
C ALA B 62 -0.91 15.47 -34.67
N GLU B 63 0.01 15.99 -35.48
CA GLU B 63 0.92 15.10 -36.26
C GLU B 63 1.89 14.41 -35.31
N GLU B 64 2.29 15.09 -34.23
CA GLU B 64 3.18 14.47 -33.22
C GLU B 64 2.35 13.54 -32.32
N MET B 65 1.01 13.67 -32.32
CA MET B 65 0.27 12.72 -31.52
C MET B 65 -0.12 11.49 -32.31
N THR B 66 -0.34 11.63 -33.62
CA THR B 66 -0.75 10.49 -34.42
C THR B 66 0.37 9.50 -34.68
N LYS B 67 1.55 9.68 -34.07
CA LYS B 67 2.58 8.66 -34.14
C LYS B 67 2.21 7.40 -33.38
N TYR B 68 1.31 7.51 -32.41
CA TYR B 68 0.80 6.37 -31.66
C TYR B 68 -0.72 6.28 -31.67
N HIS B 69 -1.42 7.41 -31.61
CA HIS B 69 -2.88 7.43 -31.62
C HIS B 69 -3.40 7.50 -33.05
N SER B 70 -4.58 6.93 -33.25
CA SER B 70 -5.22 6.99 -34.56
C SER B 70 -5.65 8.41 -34.88
N ASP B 71 -5.77 8.70 -36.18
CA ASP B 71 -6.20 10.03 -36.61
C ASP B 71 -7.65 10.29 -36.24
N GLU B 72 -8.48 9.24 -36.22
CA GLU B 72 -9.89 9.44 -35.89
C GLU B 72 -10.07 9.87 -34.44
N TYR B 73 -9.36 9.21 -33.51
CA TYR B 73 -9.45 9.57 -32.11
C TYR B 73 -8.92 10.98 -31.86
N ILE B 74 -7.83 11.35 -32.51
CA ILE B 74 -7.28 12.69 -32.34
C ILE B 74 -8.22 13.74 -32.93
N LYS B 75 -8.83 13.43 -34.08
CA LYS B 75 -9.78 14.36 -34.68
C LYS B 75 -10.99 14.55 -33.77
N PHE B 76 -11.47 13.47 -33.15
CA PHE B 76 -12.54 13.58 -32.17
C PHE B 76 -12.12 14.45 -30.98
N LEU B 77 -10.89 14.25 -30.48
CA LEU B 77 -10.43 15.04 -29.35
C LEU B 77 -10.32 16.52 -29.71
N ARG B 78 -9.87 16.82 -30.93
CA ARG B 78 -9.74 18.20 -31.37
C ARG B 78 -11.07 18.84 -31.68
N SER B 79 -12.11 18.05 -31.96
CA SER B 79 -13.40 18.59 -32.37
C SER B 79 -14.40 18.72 -31.24
N ILE B 80 -14.33 17.87 -30.21
CA ILE B 80 -15.38 17.81 -29.19
C ILE B 80 -15.27 19.02 -28.26
N ARG B 81 -16.42 19.58 -27.91
CA ARG B 81 -16.53 20.72 -27.01
C ARG B 81 -17.73 20.51 -26.10
N PRO B 82 -17.79 21.18 -24.96
CA PRO B 82 -18.95 21.04 -24.08
C PRO B 82 -20.26 21.49 -24.70
N ASP B 83 -20.24 22.37 -25.70
CA ASP B 83 -21.47 22.88 -26.28
C ASP B 83 -21.96 22.08 -27.48
N ASN B 84 -21.22 21.06 -27.91
CA ASN B 84 -21.67 20.19 -28.99
C ASN B 84 -21.53 18.72 -28.59
N MET B 85 -21.89 18.39 -27.35
CA MET B 85 -21.84 17.00 -26.91
C MET B 85 -22.95 16.18 -27.56
N SER B 86 -23.99 16.84 -28.08
CA SER B 86 -25.13 16.12 -28.63
C SER B 86 -24.82 15.52 -29.99
N GLU B 87 -23.91 16.13 -30.75
CA GLU B 87 -23.60 15.69 -32.10
C GLU B 87 -22.47 14.67 -32.15
N TYR B 88 -21.97 14.23 -31.00
CA TYR B 88 -20.88 13.26 -30.95
C TYR B 88 -21.16 12.11 -30.00
N SER B 89 -22.42 11.95 -29.56
CA SER B 89 -22.74 10.97 -28.52
C SER B 89 -22.22 9.59 -28.88
N LYS B 90 -22.52 9.11 -30.08
CA LYS B 90 -22.00 7.81 -30.52
C LYS B 90 -20.49 7.78 -30.42
N GLN B 91 -19.82 8.77 -31.02
CA GLN B 91 -18.37 8.86 -30.91
C GLN B 91 -17.96 8.90 -29.45
N MET B 92 -18.70 9.65 -28.62
CA MET B 92 -18.36 9.74 -27.22
C MET B 92 -18.45 8.38 -26.53
N GLN B 93 -19.40 7.54 -26.95
CA GLN B 93 -19.44 6.19 -26.43
C GLN B 93 -18.29 5.35 -26.95
N ARG B 94 -17.86 5.59 -28.19
CA ARG B 94 -16.85 4.75 -28.82
C ARG B 94 -15.47 4.96 -28.21
N PHE B 95 -15.10 6.22 -27.95
CA PHE B 95 -13.76 6.57 -27.48
C PHE B 95 -13.68 6.67 -25.97
N ASN B 96 -14.74 6.30 -25.25
CA ASN B 96 -14.74 6.26 -23.78
C ASN B 96 -14.57 7.66 -23.17
N VAL B 97 -15.04 8.68 -23.90
CA VAL B 97 -15.08 10.04 -23.38
C VAL B 97 -16.48 10.25 -22.82
N GLY B 98 -16.56 10.63 -21.55
CA GLY B 98 -17.83 10.63 -20.85
C GLY B 98 -17.73 10.86 -19.36
N GLU B 99 -18.27 9.92 -18.58
CA GLU B 99 -18.32 10.10 -17.13
C GLU B 99 -16.92 10.17 -16.51
N ASP B 100 -16.14 9.09 -16.65
CA ASP B 100 -14.86 9.02 -15.96
C ASP B 100 -13.85 10.01 -16.54
N CYS B 101 -13.80 10.14 -17.86
CA CYS B 101 -12.92 11.08 -18.54
C CYS B 101 -13.79 12.11 -19.25
N PRO B 102 -14.17 13.19 -18.56
CA PRO B 102 -15.16 14.11 -19.12
C PRO B 102 -14.59 14.98 -20.23
N VAL B 103 -15.49 15.60 -20.98
CA VAL B 103 -15.13 16.60 -21.97
C VAL B 103 -15.35 17.97 -21.33
N PHE B 104 -14.27 18.72 -21.16
CA PHE B 104 -14.30 20.02 -20.52
C PHE B 104 -13.74 21.05 -21.49
N ASP B 105 -13.73 22.31 -21.05
CA ASP B 105 -13.33 23.40 -21.93
C ASP B 105 -11.82 23.38 -22.12
N GLY B 106 -11.38 23.25 -23.38
CA GLY B 106 -9.97 23.26 -23.69
C GLY B 106 -9.21 22.02 -23.28
N LEU B 107 -9.82 20.83 -23.45
CA LEU B 107 -9.10 19.60 -23.13
C LEU B 107 -8.00 19.32 -24.14
N PHE B 108 -8.21 19.69 -25.41
CA PHE B 108 -7.16 19.46 -26.41
C PHE B 108 -5.92 20.29 -26.11
N GLU B 109 -6.09 21.53 -25.66
CA GLU B 109 -4.94 22.36 -25.30
C GLU B 109 -4.20 21.77 -24.11
N PHE B 110 -4.95 21.22 -23.15
CA PHE B 110 -4.34 20.53 -22.01
C PHE B 110 -3.50 19.36 -22.48
N CYS B 111 -4.05 18.53 -23.37
CA CYS B 111 -3.30 17.41 -23.90
C CYS B 111 -2.07 17.87 -24.67
N GLN B 112 -2.21 18.95 -25.44
CA GLN B 112 -1.10 19.47 -26.23
C GLN B 112 0.05 19.91 -25.32
N LEU B 113 -0.27 20.65 -24.25
CA LEU B 113 0.77 21.10 -23.34
C LEU B 113 1.44 19.93 -22.63
N SER B 114 0.63 19.01 -22.11
CA SER B 114 1.19 17.88 -21.37
C SER B 114 2.08 17.03 -22.26
N THR B 115 1.65 16.77 -23.50
CA THR B 115 2.45 15.97 -24.42
C THR B 115 3.71 16.72 -24.86
N GLY B 116 3.56 18.01 -25.16
CA GLY B 116 4.69 18.78 -25.65
C GLY B 116 5.81 18.91 -24.64
N GLY B 117 5.46 19.01 -23.35
CA GLY B 117 6.52 19.08 -22.35
C GLY B 117 7.42 17.85 -22.37
N SER B 118 6.82 16.67 -22.37
CA SER B 118 7.61 15.44 -22.34
C SER B 118 8.31 15.20 -23.67
N VAL B 119 7.67 15.56 -24.79
CA VAL B 119 8.32 15.37 -26.08
C VAL B 119 9.53 16.29 -26.21
N ALA B 120 9.40 17.54 -25.76
CA ALA B 120 10.54 18.45 -25.79
C ALA B 120 11.65 17.97 -24.87
N GLY B 121 11.31 17.45 -23.70
CA GLY B 121 12.32 16.87 -22.83
C GLY B 121 13.06 15.71 -23.48
N ALA B 122 12.31 14.83 -24.16
CA ALA B 122 12.93 13.70 -24.86
C ALA B 122 13.85 14.18 -25.97
N VAL B 123 13.43 15.19 -26.73
CA VAL B 123 14.27 15.73 -27.78
C VAL B 123 15.55 16.33 -27.19
N LYS B 124 15.41 17.07 -26.08
CA LYS B 124 16.56 17.64 -25.42
C LYS B 124 17.54 16.56 -24.98
N LEU B 125 17.03 15.47 -24.41
CA LEU B 125 17.90 14.37 -23.99
C LEU B 125 18.55 13.68 -25.18
N ASN B 126 17.83 13.58 -26.29
CA ASN B 126 18.41 13.01 -27.50
C ASN B 126 19.57 13.85 -28.01
N ARG B 127 19.43 15.17 -27.97
CA ARG B 127 20.49 16.06 -28.43
C ARG B 127 21.67 16.14 -27.48
N GLN B 128 21.59 15.49 -26.32
CA GLN B 128 22.65 15.47 -25.31
C GLN B 128 22.98 16.87 -24.81
N GLN B 129 21.97 17.74 -24.75
CA GLN B 129 22.14 19.05 -24.14
C GLN B 129 21.91 19.01 -22.64
N THR B 130 21.41 17.88 -22.13
CA THR B 130 21.24 17.67 -20.69
C THR B 130 21.06 16.18 -20.47
N ASP B 131 21.19 15.77 -19.20
CA ASP B 131 20.94 14.39 -18.82
C ASP B 131 19.80 14.29 -17.80
N MET B 132 18.93 15.29 -17.75
CA MET B 132 17.79 15.27 -16.85
C MET B 132 16.78 16.29 -17.33
N ALA B 133 15.55 15.84 -17.57
CA ALA B 133 14.45 16.71 -17.94
C ALA B 133 13.26 16.38 -17.07
N VAL B 134 12.58 17.40 -16.57
CA VAL B 134 11.45 17.24 -15.65
C VAL B 134 10.22 17.86 -16.27
N ASN B 135 9.11 17.12 -16.26
CA ASN B 135 7.83 17.63 -16.74
C ASN B 135 6.74 17.05 -15.85
N TRP B 136 6.30 17.82 -14.87
CA TRP B 136 5.26 17.35 -13.95
C TRP B 136 3.87 17.34 -14.56
N ALA B 137 3.68 18.05 -15.69
CA ALA B 137 2.39 18.03 -16.35
C ALA B 137 2.14 16.72 -17.08
N GLY B 138 3.19 15.95 -17.34
CA GLY B 138 3.07 14.69 -18.04
C GLY B 138 2.72 13.55 -17.13
N GLY B 139 2.98 12.33 -17.61
CA GLY B 139 2.75 11.15 -16.82
C GLY B 139 1.39 10.51 -16.97
N LEU B 140 0.70 10.76 -18.07
CA LEU B 140 -0.61 10.16 -18.31
C LEU B 140 -0.40 8.83 -19.02
N HIS B 141 -0.53 7.73 -18.27
CA HIS B 141 -0.12 6.41 -18.74
C HIS B 141 -1.28 5.46 -18.97
N HIS B 142 -2.52 5.89 -18.77
CA HIS B 142 -3.68 5.01 -18.94
C HIS B 142 -4.32 5.13 -20.31
N ALA B 143 -3.95 6.12 -21.11
CA ALA B 143 -4.59 6.35 -22.41
C ALA B 143 -4.18 5.28 -23.40
N LYS B 144 -5.14 4.84 -24.23
CA LYS B 144 -4.88 3.81 -25.22
C LYS B 144 -4.74 4.43 -26.60
N LYS B 145 -4.55 3.58 -27.61
CA LYS B 145 -4.31 4.06 -28.96
C LYS B 145 -5.50 4.84 -29.50
N SER B 146 -6.73 4.37 -29.25
CA SER B 146 -7.92 5.02 -29.78
C SER B 146 -9.01 5.11 -28.72
N GLU B 147 -8.63 5.31 -27.46
CA GLU B 147 -9.63 5.50 -26.43
C GLU B 147 -9.00 6.23 -25.24
N ALA B 148 -9.86 6.83 -24.42
CA ALA B 148 -9.44 7.52 -23.21
C ALA B 148 -9.78 6.68 -21.99
N SER B 149 -8.85 6.61 -21.04
CA SER B 149 -9.06 5.78 -19.87
C SER B 149 -8.28 6.37 -18.69
N GLY B 150 -8.86 6.25 -17.50
CA GLY B 150 -8.20 6.65 -16.27
C GLY B 150 -7.79 8.10 -16.20
N PHE B 151 -8.70 9.00 -16.58
CA PHE B 151 -8.51 10.46 -16.59
C PHE B 151 -7.50 10.92 -17.61
N CYS B 152 -6.99 10.04 -18.47
CA CYS B 152 -5.97 10.38 -19.45
C CYS B 152 -6.56 10.28 -20.85
N TYR B 153 -6.24 11.26 -21.69
CA TYR B 153 -6.72 11.29 -23.07
C TYR B 153 -5.64 10.99 -24.10
N VAL B 154 -4.41 11.46 -23.87
CA VAL B 154 -3.30 11.26 -24.80
C VAL B 154 -2.13 10.70 -24.01
N ASN B 155 -1.53 9.63 -24.52
CA ASN B 155 -0.44 8.93 -23.84
C ASN B 155 0.88 9.56 -24.24
N ASP B 156 1.34 10.53 -23.46
CA ASP B 156 2.57 11.25 -23.79
C ASP B 156 3.82 10.48 -23.41
N ILE B 157 3.71 9.52 -22.50
CA ILE B 157 4.86 8.68 -22.16
C ILE B 157 5.29 7.85 -23.35
N VAL B 158 4.32 7.27 -24.07
CA VAL B 158 4.62 6.47 -25.25
C VAL B 158 5.28 7.34 -26.32
N LEU B 159 4.77 8.56 -26.50
CA LEU B 159 5.35 9.46 -27.50
C LEU B 159 6.76 9.89 -27.12
N ALA B 160 7.00 10.14 -25.83
CA ALA B 160 8.34 10.49 -25.38
C ALA B 160 9.31 9.33 -25.58
N ILE B 161 8.87 8.11 -25.33
CA ILE B 161 9.74 6.96 -25.55
C ILE B 161 9.99 6.74 -27.03
N LEU B 162 8.97 6.96 -27.86
CA LEU B 162 9.16 6.85 -29.30
C LEU B 162 10.16 7.88 -29.81
N GLU B 163 10.15 9.08 -29.21
CA GLU B 163 11.16 10.08 -29.54
C GLU B 163 12.54 9.67 -29.04
N LEU B 164 12.61 9.05 -27.86
CA LEU B 164 13.90 8.63 -27.31
C LEU B 164 14.52 7.50 -28.12
N LEU B 165 13.70 6.65 -28.72
CA LEU B 165 14.18 5.47 -29.43
C LEU B 165 14.98 5.82 -30.68
N LYS B 166 14.95 7.07 -31.12
CA LYS B 166 15.70 7.44 -32.33
C LYS B 166 17.19 7.51 -32.10
N TYR B 167 17.64 7.51 -30.85
CA TYR B 167 19.07 7.61 -30.55
C TYR B 167 19.51 6.56 -29.54
N HIS B 168 18.57 5.99 -28.80
CA HIS B 168 18.88 5.03 -27.75
C HIS B 168 18.34 3.66 -28.13
N GLN B 169 19.20 2.65 -28.07
CA GLN B 169 18.80 1.30 -28.45
C GLN B 169 17.82 0.70 -27.44
N ARG B 170 18.08 0.89 -26.16
CA ARG B 170 17.25 0.32 -25.10
C ARG B 170 16.81 1.41 -24.15
N VAL B 171 15.50 1.50 -23.90
CA VAL B 171 14.91 2.49 -23.02
C VAL B 171 14.18 1.76 -21.91
N LEU B 172 14.45 2.12 -20.67
CA LEU B 172 13.82 1.49 -19.51
C LEU B 172 12.81 2.44 -18.89
N TYR B 173 11.59 1.95 -18.68
CA TYR B 173 10.51 2.73 -18.10
C TYR B 173 10.17 2.16 -16.73
N ILE B 174 10.09 3.03 -15.73
CA ILE B 174 9.80 2.65 -14.36
C ILE B 174 8.55 3.40 -13.91
N ASP B 175 7.63 2.68 -13.27
CA ASP B 175 6.35 3.23 -12.85
C ASP B 175 6.13 2.94 -11.38
N ILE B 176 6.09 4.01 -10.57
CA ILE B 176 5.82 3.92 -9.14
C ILE B 176 4.49 4.56 -8.77
N ASP B 177 3.66 4.90 -9.75
CA ASP B 177 2.27 5.24 -9.46
C ASP B 177 1.57 4.01 -8.90
N ILE B 178 0.59 4.25 -8.01
CA ILE B 178 -0.08 3.13 -7.36
C ILE B 178 -0.85 2.27 -8.34
N HIS B 179 -1.30 2.85 -9.44
CA HIS B 179 -1.99 2.10 -10.47
C HIS B 179 -0.99 1.47 -11.43
N HIS B 180 -1.45 0.46 -12.15
CA HIS B 180 -0.63 -0.19 -13.17
C HIS B 180 -0.67 0.64 -14.44
N GLY B 181 0.50 0.89 -15.02
CA GLY B 181 0.58 1.66 -16.24
C GLY B 181 0.28 0.82 -17.46
N ASP B 182 -1.00 0.52 -17.67
CA ASP B 182 -1.38 -0.45 -18.70
C ASP B 182 -1.17 0.10 -20.10
N GLY B 183 -1.37 1.40 -20.29
CA GLY B 183 -1.20 1.98 -21.62
C GLY B 183 0.22 1.85 -22.14
N VAL B 184 1.19 2.21 -21.31
CA VAL B 184 2.58 2.18 -21.72
C VAL B 184 3.05 0.73 -21.90
N GLU B 185 2.65 -0.15 -20.98
CA GLU B 185 3.05 -1.55 -21.08
C GLU B 185 2.46 -2.21 -22.32
N GLU B 186 1.20 -1.91 -22.62
CA GLU B 186 0.55 -2.48 -23.79
C GLU B 186 1.13 -1.91 -25.08
N ALA B 187 1.57 -0.65 -25.07
CA ALA B 187 2.15 -0.06 -26.27
C ALA B 187 3.43 -0.79 -26.69
N PHE B 188 4.19 -1.29 -25.72
CA PHE B 188 5.48 -1.92 -25.98
C PHE B 188 5.51 -3.36 -25.47
N TYR B 189 4.41 -4.09 -25.65
CA TYR B 189 4.30 -5.42 -25.04
C TYR B 189 5.14 -6.46 -25.78
N THR B 190 5.35 -6.28 -27.09
CA THR B 190 5.97 -7.29 -27.93
C THR B 190 7.31 -6.83 -28.48
N THR B 191 8.02 -5.99 -27.74
CA THR B 191 9.32 -5.51 -28.18
C THR B 191 10.33 -5.64 -27.05
N ASP B 192 11.61 -5.78 -27.42
CA ASP B 192 12.69 -5.87 -26.46
C ASP B 192 13.47 -4.58 -26.33
N ARG B 193 13.08 -3.52 -27.03
CA ARG B 193 13.77 -2.24 -26.93
C ARG B 193 13.27 -1.40 -25.77
N VAL B 194 12.11 -1.73 -25.20
CA VAL B 194 11.58 -1.04 -24.04
C VAL B 194 11.17 -2.09 -23.03
N MET B 195 11.69 -1.98 -21.81
CA MET B 195 11.21 -2.80 -20.70
C MET B 195 10.52 -1.91 -19.68
N THR B 196 9.33 -2.35 -19.27
CA THR B 196 8.47 -1.61 -18.36
C THR B 196 8.43 -2.33 -17.02
N VAL B 197 8.91 -1.65 -15.98
CA VAL B 197 8.78 -2.11 -14.60
C VAL B 197 7.65 -1.33 -13.95
N SER B 198 6.71 -2.04 -13.34
CA SER B 198 5.57 -1.38 -12.72
C SER B 198 5.39 -1.93 -11.31
N PHE B 199 5.26 -1.04 -10.33
CA PHE B 199 4.90 -1.44 -8.97
C PHE B 199 3.50 -0.91 -8.68
N HIS B 200 2.58 -1.80 -8.30
CA HIS B 200 1.20 -1.35 -8.24
C HIS B 200 0.41 -2.24 -7.28
N LYS B 201 -0.76 -1.74 -6.89
CA LYS B 201 -1.73 -2.53 -6.14
C LYS B 201 -2.55 -3.39 -7.11
N TYR B 202 -2.86 -4.61 -6.69
CA TYR B 202 -3.57 -5.56 -7.53
C TYR B 202 -4.71 -6.21 -6.73
N GLY B 203 -5.84 -6.39 -7.40
CA GLY B 203 -6.97 -7.09 -6.81
C GLY B 203 -8.14 -6.19 -6.50
N GLU B 204 -9.16 -6.22 -7.36
CA GLU B 204 -10.32 -5.34 -7.24
C GLU B 204 -9.89 -3.88 -7.19
N TYR B 205 -9.17 -3.46 -8.22
CA TYR B 205 -8.58 -2.14 -8.27
C TYR B 205 -8.35 -1.77 -9.73
N PHE B 206 -8.46 -0.48 -10.02
CA PHE B 206 -8.22 -0.01 -11.38
C PHE B 206 -6.74 -0.16 -11.73
N PRO B 207 -6.41 -0.53 -12.98
CA PRO B 207 -7.30 -0.90 -14.08
C PRO B 207 -7.62 -2.39 -14.11
N GLY B 208 -7.16 -3.15 -13.12
CA GLY B 208 -7.41 -4.58 -13.09
C GLY B 208 -6.44 -5.42 -13.89
N THR B 209 -5.27 -4.88 -14.23
CA THR B 209 -4.25 -5.58 -15.01
C THR B 209 -2.92 -5.51 -14.28
N GLY B 210 -1.92 -6.18 -14.84
CA GLY B 210 -0.58 -6.14 -14.29
C GLY B 210 -0.28 -7.29 -13.35
N ASP B 211 -0.64 -8.50 -13.77
CA ASP B 211 -0.44 -9.68 -12.95
C ASP B 211 1.05 -10.04 -12.89
N LEU B 212 1.39 -10.91 -11.94
CA LEU B 212 2.77 -11.37 -11.82
C LEU B 212 3.22 -12.13 -13.05
N ARG B 213 2.29 -12.77 -13.77
CA ARG B 213 2.60 -13.58 -14.92
C ARG B 213 2.50 -12.84 -16.25
N ASP B 214 2.25 -11.53 -16.22
CA ASP B 214 2.26 -10.72 -17.43
C ASP B 214 3.69 -10.29 -17.69
N ILE B 215 4.40 -11.08 -18.50
CA ILE B 215 5.84 -10.88 -18.70
C ILE B 215 6.16 -10.53 -20.14
N GLY B 216 5.16 -10.32 -20.98
CA GLY B 216 5.39 -9.94 -22.36
C GLY B 216 4.94 -11.03 -23.33
N ALA B 217 5.15 -10.73 -24.61
CA ALA B 217 4.71 -11.62 -25.68
C ALA B 217 5.65 -11.52 -26.86
N GLY B 218 5.79 -12.64 -27.57
CA GLY B 218 6.62 -12.67 -28.76
C GLY B 218 8.06 -12.30 -28.46
N LYS B 219 8.59 -11.38 -29.27
CA LYS B 219 9.99 -10.96 -29.09
C LYS B 219 10.18 -10.20 -27.78
N GLY B 220 9.11 -9.66 -27.22
CA GLY B 220 9.23 -8.88 -26.00
C GLY B 220 9.03 -9.69 -24.73
N LYS B 221 9.16 -11.02 -24.82
CA LYS B 221 8.99 -11.87 -23.66
C LYS B 221 10.09 -11.62 -22.65
N TYR B 222 9.71 -11.58 -21.37
CA TYR B 222 10.56 -11.28 -20.22
C TYR B 222 11.02 -9.83 -20.19
N TYR B 223 10.36 -8.95 -20.93
CA TYR B 223 10.72 -7.54 -21.00
C TYR B 223 9.63 -6.65 -20.42
N ALA B 224 8.88 -7.17 -19.45
CA ALA B 224 7.82 -6.41 -18.79
C ALA B 224 7.59 -7.06 -17.44
N VAL B 225 7.88 -6.34 -16.36
CA VAL B 225 7.81 -6.91 -15.02
C VAL B 225 6.80 -6.12 -14.19
N ASN B 226 5.98 -6.84 -13.45
CA ASN B 226 4.93 -6.26 -12.62
C ASN B 226 5.09 -6.77 -11.19
N PHE B 227 5.07 -5.86 -10.23
CA PHE B 227 5.06 -6.21 -8.82
C PHE B 227 3.70 -5.85 -8.24
N PRO B 228 2.82 -6.81 -8.04
CA PRO B 228 1.54 -6.54 -7.37
C PRO B 228 1.72 -6.49 -5.86
N MET B 229 0.95 -5.61 -5.23
CA MET B 229 1.07 -5.38 -3.80
C MET B 229 -0.29 -5.43 -3.12
N ARG B 230 -0.30 -5.24 -1.81
CA ARG B 230 -1.55 -5.20 -1.06
C ARG B 230 -1.70 -3.83 -0.39
N ASP B 231 -2.73 -3.68 0.44
CA ASP B 231 -2.99 -2.41 1.09
C ASP B 231 -1.90 -2.09 2.12
N GLY B 232 -1.53 -0.82 2.20
CA GLY B 232 -0.72 -0.33 3.29
C GLY B 232 0.77 -0.63 3.25
N ILE B 233 1.35 -0.74 2.07
CA ILE B 233 2.81 -0.85 1.99
C ILE B 233 3.42 0.44 2.53
N ASP B 234 4.57 0.30 3.20
CA ASP B 234 5.20 1.48 3.78
C ASP B 234 6.61 1.69 3.26
N ASP B 235 7.33 2.66 3.83
CA ASP B 235 8.61 3.09 3.28
C ASP B 235 9.64 1.98 3.32
N GLU B 236 9.69 1.23 4.43
CA GLU B 236 10.74 0.22 4.59
C GLU B 236 10.58 -0.91 3.58
N SER B 237 9.37 -1.43 3.42
CA SER B 237 9.15 -2.50 2.45
C SER B 237 9.42 -2.04 1.02
N TYR B 238 8.94 -0.84 0.68
CA TYR B 238 9.14 -0.31 -0.67
C TYR B 238 10.63 -0.13 -0.95
N GLY B 239 11.38 0.42 0.01
CA GLY B 239 12.81 0.54 -0.18
C GLY B 239 13.52 -0.79 -0.25
N GLN B 240 13.04 -1.77 0.51
CA GLN B 240 13.69 -3.08 0.51
C GLN B 240 13.48 -3.82 -0.81
N ILE B 241 12.35 -3.59 -1.49
CA ILE B 241 12.09 -4.33 -2.73
C ILE B 241 12.31 -3.51 -4.00
N PHE B 242 12.47 -2.19 -3.90
CA PHE B 242 12.71 -1.40 -5.10
C PHE B 242 14.18 -1.40 -5.51
N LYS B 243 15.07 -1.18 -4.55
CA LYS B 243 16.49 -1.09 -4.87
C LYS B 243 17.05 -2.37 -5.47
N PRO B 244 16.85 -3.56 -4.90
CA PRO B 244 17.44 -4.77 -5.50
C PRO B 244 16.86 -5.10 -6.87
N ILE B 245 15.55 -4.94 -7.04
CA ILE B 245 14.92 -5.21 -8.32
C ILE B 245 15.46 -4.28 -9.40
N ILE B 246 15.57 -2.99 -9.09
CA ILE B 246 16.06 -2.03 -10.08
C ILE B 246 17.53 -2.28 -10.37
N SER B 247 18.31 -2.65 -9.36
CA SER B 247 19.71 -3.00 -9.60
C SER B 247 19.83 -4.20 -10.54
N LYS B 248 19.02 -5.23 -10.30
CA LYS B 248 19.04 -6.41 -11.17
C LYS B 248 18.58 -6.07 -12.58
N VAL B 249 17.55 -5.23 -12.70
CA VAL B 249 17.06 -4.82 -14.01
C VAL B 249 18.12 -4.07 -14.77
N MET B 250 18.81 -3.15 -14.10
CA MET B 250 19.85 -2.37 -14.75
C MET B 250 21.08 -3.20 -15.09
N GLU B 251 21.34 -4.27 -14.33
CA GLU B 251 22.50 -5.11 -14.63
C GLU B 251 22.20 -6.10 -15.76
N MET B 252 20.98 -6.61 -15.86
CA MET B 252 20.63 -7.49 -16.97
C MET B 252 20.34 -6.73 -18.25
N TYR B 253 19.50 -5.70 -18.18
CA TYR B 253 19.02 -5.01 -19.36
C TYR B 253 20.07 -4.07 -19.93
N GLN B 254 20.80 -3.38 -19.07
CA GLN B 254 21.78 -2.36 -19.44
C GLN B 254 21.14 -1.32 -20.38
N PRO B 255 20.23 -0.50 -19.89
CA PRO B 255 19.56 0.47 -20.75
C PRO B 255 20.46 1.66 -21.06
N SER B 256 19.99 2.50 -21.99
CA SER B 256 20.66 3.74 -22.33
C SER B 256 19.93 4.98 -21.83
N ALA B 257 18.62 4.92 -21.67
CA ALA B 257 17.84 6.02 -21.14
C ALA B 257 16.78 5.48 -20.20
N VAL B 258 16.38 6.32 -19.23
CA VAL B 258 15.41 5.94 -18.22
C VAL B 258 14.28 6.96 -18.23
N VAL B 259 13.04 6.46 -18.17
CA VAL B 259 11.85 7.29 -18.03
C VAL B 259 11.18 6.87 -16.72
N LEU B 260 11.10 7.81 -15.77
CA LEU B 260 10.59 7.53 -14.44
C LEU B 260 9.28 8.26 -14.21
N GLN B 261 8.21 7.50 -13.99
CA GLN B 261 6.88 8.03 -13.72
C GLN B 261 6.74 8.17 -12.20
N CYS B 262 6.60 9.40 -11.73
CA CYS B 262 6.65 9.72 -10.30
C CYS B 262 5.28 10.01 -9.72
N GLY B 263 4.25 9.26 -10.12
CA GLY B 263 2.90 9.48 -9.62
C GLY B 263 2.80 9.46 -8.11
N ALA B 264 2.10 10.43 -7.54
CA ALA B 264 2.09 10.68 -6.11
C ALA B 264 0.86 10.12 -5.41
N ASP B 265 0.03 9.35 -6.10
CA ASP B 265 -1.14 8.77 -5.47
C ASP B 265 -0.81 7.55 -4.62
N SER B 266 0.46 7.18 -4.54
CA SER B 266 0.90 6.09 -3.68
C SER B 266 1.36 6.57 -2.31
N LEU B 267 1.11 7.84 -1.97
CA LEU B 267 1.42 8.36 -0.65
C LEU B 267 0.25 8.14 0.30
N SER B 268 0.54 8.22 1.59
CA SER B 268 -0.49 8.05 2.60
C SER B 268 -1.48 9.21 2.57
N GLY B 269 -2.75 8.87 2.80
CA GLY B 269 -3.80 9.88 2.84
C GLY B 269 -4.38 10.26 1.50
N ASP B 270 -3.99 9.57 0.43
CA ASP B 270 -4.48 9.91 -0.91
C ASP B 270 -5.97 9.63 -1.02
N ARG B 271 -6.65 10.47 -1.82
CA ARG B 271 -8.10 10.34 -1.96
C ARG B 271 -8.49 9.03 -2.63
N LEU B 272 -7.63 8.51 -3.50
CA LEU B 272 -7.92 7.28 -4.22
C LEU B 272 -6.95 6.15 -3.92
N GLY B 273 -5.75 6.45 -3.42
CA GLY B 273 -4.78 5.41 -3.16
C GLY B 273 -5.01 4.67 -1.85
N CYS B 274 -4.24 3.60 -1.67
CA CYS B 274 -4.32 2.77 -0.47
C CYS B 274 -2.98 2.58 0.23
N PHE B 275 -1.88 3.05 -0.36
CA PHE B 275 -0.56 2.79 0.20
C PHE B 275 -0.29 3.72 1.38
N ASN B 276 0.91 3.60 1.95
CA ASN B 276 1.27 4.29 3.19
C ASN B 276 2.67 4.89 3.10
N LEU B 277 3.08 5.25 1.89
CA LEU B 277 4.39 5.86 1.70
C LEU B 277 4.40 7.30 2.20
N THR B 278 5.60 7.85 2.36
CA THR B 278 5.81 9.25 2.68
C THR B 278 6.67 9.89 1.61
N VAL B 279 6.90 11.19 1.74
CA VAL B 279 7.64 11.92 0.71
C VAL B 279 9.07 11.44 0.63
N LYS B 280 9.72 11.22 1.78
CA LYS B 280 11.10 10.73 1.78
C LYS B 280 11.20 9.34 1.16
N GLY B 281 10.31 8.43 1.55
CA GLY B 281 10.31 7.11 0.95
C GLY B 281 9.99 7.12 -0.52
N HIS B 282 9.11 8.04 -0.94
CA HIS B 282 8.79 8.19 -2.36
C HIS B 282 10.01 8.65 -3.15
N ALA B 283 10.75 9.62 -2.62
CA ALA B 283 11.90 10.17 -3.34
C ALA B 283 13.14 9.30 -3.23
N LYS B 284 13.15 8.34 -2.30
CA LYS B 284 14.24 7.37 -2.28
C LYS B 284 14.38 6.65 -3.63
N CYS B 285 13.25 6.42 -4.30
CA CYS B 285 13.31 5.80 -5.63
C CYS B 285 14.01 6.70 -6.63
N VAL B 286 13.76 8.01 -6.55
CA VAL B 286 14.45 8.95 -7.43
C VAL B 286 15.95 8.94 -7.15
N GLU B 287 16.34 8.91 -5.88
CA GLU B 287 17.77 8.83 -5.56
C GLU B 287 18.40 7.56 -6.12
N VAL B 288 17.71 6.43 -5.95
CA VAL B 288 18.25 5.16 -6.43
C VAL B 288 18.40 5.17 -7.94
N VAL B 289 17.40 5.68 -8.66
CA VAL B 289 17.49 5.75 -10.11
C VAL B 289 18.61 6.68 -10.55
N LYS B 290 18.73 7.85 -9.90
CA LYS B 290 19.76 8.80 -10.25
C LYS B 290 21.17 8.27 -10.00
N THR B 291 21.32 7.32 -9.07
CA THR B 291 22.64 6.77 -8.77
C THR B 291 23.30 6.16 -10.01
N PHE B 292 22.52 5.65 -10.95
CA PHE B 292 23.07 4.89 -12.09
C PHE B 292 23.58 5.77 -13.22
N ASN B 293 23.39 7.10 -13.15
CA ASN B 293 24.00 8.06 -14.06
C ASN B 293 23.62 7.79 -15.53
N LEU B 294 22.33 7.93 -15.81
CA LEU B 294 21.80 7.75 -17.14
C LEU B 294 20.92 8.94 -17.52
N PRO B 295 20.78 9.22 -18.83
CA PRO B 295 19.78 10.22 -19.25
C PRO B 295 18.40 9.88 -18.75
N LEU B 296 17.86 10.71 -17.87
CA LEU B 296 16.63 10.41 -17.14
C LEU B 296 15.57 11.45 -17.44
N LEU B 297 14.34 10.99 -17.68
CA LEU B 297 13.19 11.84 -17.90
C LEU B 297 12.17 11.56 -16.81
N MET B 298 11.96 12.54 -15.92
CA MET B 298 11.03 12.39 -14.81
C MET B 298 9.70 13.00 -15.17
N LEU B 299 8.62 12.27 -14.94
CA LEU B 299 7.28 12.70 -15.32
C LEU B 299 6.37 12.70 -14.10
N GLY B 300 5.23 13.38 -14.25
CA GLY B 300 4.24 13.42 -13.20
C GLY B 300 3.37 12.19 -13.17
N GLY B 301 2.05 12.38 -13.08
CA GLY B 301 1.15 11.25 -13.10
C GLY B 301 -0.07 11.42 -12.22
N GLY B 302 -0.30 10.46 -11.34
CA GLY B 302 -1.43 10.52 -10.43
C GLY B 302 -1.13 11.35 -9.21
N GLY B 303 -2.05 11.28 -8.25
CA GLY B 303 -1.96 12.08 -7.06
C GLY B 303 -3.18 12.97 -6.89
N TYR B 304 -3.98 12.71 -5.86
CA TYR B 304 -5.29 13.33 -5.74
C TYR B 304 -5.54 13.98 -4.38
N THR B 305 -4.56 13.95 -3.49
CA THR B 305 -4.52 14.86 -2.34
C THR B 305 -3.53 15.95 -2.71
N ILE B 306 -4.07 17.14 -2.99
CA ILE B 306 -3.35 18.12 -3.80
C ILE B 306 -2.11 18.63 -3.07
N ARG B 307 -2.23 18.87 -1.76
CA ARG B 307 -1.10 19.37 -0.98
C ARG B 307 0.04 18.37 -0.93
N ASN B 308 -0.30 17.09 -0.74
CA ASN B 308 0.74 16.06 -0.70
C ASN B 308 1.43 15.93 -2.05
N VAL B 309 0.68 16.10 -3.14
CA VAL B 309 1.28 16.06 -4.47
C VAL B 309 2.28 17.20 -4.62
N ALA B 310 1.90 18.41 -4.18
CA ALA B 310 2.81 19.54 -4.24
C ALA B 310 4.08 19.26 -3.45
N ARG B 311 3.93 18.76 -2.22
CA ARG B 311 5.08 18.47 -1.37
C ARG B 311 6.00 17.43 -2.01
N CYS B 312 5.40 16.32 -2.48
CA CYS B 312 6.20 15.24 -3.04
C CYS B 312 6.97 15.72 -4.26
N TRP B 313 6.31 16.42 -5.18
CA TRP B 313 6.97 16.77 -6.43
C TRP B 313 8.03 17.85 -6.20
N THR B 314 7.79 18.79 -5.28
CA THR B 314 8.84 19.76 -4.99
C THR B 314 10.04 19.08 -4.34
N TYR B 315 9.80 18.07 -3.48
CA TYR B 315 10.92 17.38 -2.87
C TYR B 315 11.73 16.58 -3.89
N GLU B 316 11.06 15.90 -4.83
CA GLU B 316 11.82 15.17 -5.85
C GLU B 316 12.55 16.11 -6.79
N THR B 317 11.96 17.26 -7.11
CA THR B 317 12.67 18.24 -7.91
C THR B 317 13.93 18.72 -7.19
N ALA B 318 13.83 18.95 -5.88
CA ALA B 318 15.02 19.32 -5.11
C ALA B 318 16.06 18.20 -5.13
N VAL B 319 15.61 16.96 -4.96
CA VAL B 319 16.54 15.82 -4.91
C VAL B 319 17.28 15.68 -6.23
N ALA B 320 16.57 15.81 -7.35
CA ALA B 320 17.21 15.69 -8.66
C ALA B 320 18.27 16.78 -8.87
N LEU B 321 18.12 17.93 -8.22
CA LEU B 321 19.10 18.99 -8.30
C LEU B 321 20.26 18.82 -7.33
N ASP B 322 20.23 17.76 -6.52
CA ASP B 322 21.22 17.54 -5.47
C ASP B 322 21.20 18.66 -4.43
N CYS B 323 20.05 19.31 -4.29
CA CYS B 323 19.88 20.45 -3.40
C CYS B 323 19.14 20.01 -2.15
N GLU B 324 19.56 20.51 -1.00
CA GLU B 324 18.92 20.23 0.27
C GLU B 324 18.10 21.44 0.70
N ILE B 325 16.83 21.21 1.01
CA ILE B 325 15.93 22.29 1.35
C ILE B 325 15.43 22.11 2.79
N PRO B 326 15.15 23.19 3.51
CA PRO B 326 14.71 23.04 4.90
C PRO B 326 13.33 22.42 5.01
N ASN B 327 13.09 21.76 6.14
CA ASN B 327 11.81 21.12 6.38
C ASN B 327 10.69 22.14 6.61
N GLU B 328 11.02 23.41 6.80
CA GLU B 328 10.00 24.44 7.02
C GLU B 328 9.53 24.97 5.68
N LEU B 329 8.23 24.92 5.45
CA LEU B 329 7.67 25.43 4.20
C LEU B 329 7.77 26.95 4.17
N PRO B 330 8.33 27.53 3.13
CA PRO B 330 8.34 29.00 3.00
C PRO B 330 6.96 29.52 2.71
N TYR B 331 6.77 30.81 2.98
CA TYR B 331 5.49 31.45 2.68
C TYR B 331 5.27 31.50 1.18
N ASN B 332 4.08 31.06 0.75
CA ASN B 332 3.76 31.02 -0.66
C ASN B 332 2.28 31.30 -0.84
N ASP B 333 1.84 31.32 -2.10
CA ASP B 333 0.46 31.73 -2.40
C ASP B 333 -0.56 30.73 -1.89
N TYR B 334 -0.17 29.47 -1.71
CA TYR B 334 -1.08 28.41 -1.29
C TYR B 334 -0.68 27.86 0.06
N PHE B 335 -0.22 28.76 0.94
CA PHE B 335 0.33 28.36 2.24
C PHE B 335 -0.70 27.66 3.10
N GLU B 336 -1.93 28.19 3.13
CA GLU B 336 -2.97 27.67 4.01
C GLU B 336 -3.38 26.25 3.64
N TYR B 337 -3.02 25.77 2.45
CA TYR B 337 -3.29 24.38 2.10
C TYR B 337 -2.54 23.43 3.01
N PHE B 338 -1.40 23.86 3.56
CA PHE B 338 -0.45 22.97 4.21
C PHE B 338 -0.58 22.96 5.73
N GLY B 339 -1.68 23.47 6.26
CA GLY B 339 -1.90 23.44 7.69
C GLY B 339 -2.25 22.05 8.18
N PRO B 340 -2.23 21.89 9.51
CA PRO B 340 -1.87 22.88 10.52
C PRO B 340 -0.39 22.88 10.85
N ASP B 341 0.41 22.06 10.19
CA ASP B 341 1.82 21.91 10.56
C ASP B 341 2.74 22.78 9.72
N PHE B 342 2.44 22.95 8.43
CA PHE B 342 3.26 23.73 7.51
C PHE B 342 4.69 23.17 7.43
N LYS B 343 4.78 21.87 7.22
CA LYS B 343 6.05 21.18 7.07
C LYS B 343 6.16 20.60 5.67
N LEU B 344 7.40 20.38 5.21
CA LEU B 344 7.60 19.79 3.91
C LEU B 344 7.29 18.29 3.91
N HIS B 345 7.69 17.59 4.96
CA HIS B 345 7.51 16.15 5.03
C HIS B 345 6.20 15.81 5.74
N ILE B 346 5.65 14.65 5.41
CA ILE B 346 4.37 14.22 5.93
C ILE B 346 4.57 12.98 6.80
N SER B 347 3.59 12.74 7.67
CA SER B 347 3.62 11.59 8.56
C SER B 347 2.70 10.51 8.04
N PRO B 348 3.06 9.24 8.21
CA PRO B 348 2.17 8.16 7.77
C PRO B 348 1.09 7.87 8.80
N SER B 349 0.13 7.04 8.39
CA SER B 349 -0.88 6.55 9.30
C SER B 349 -0.39 5.25 9.94
N ASN B 350 -1.23 4.63 10.76
CA ASN B 350 -0.91 3.35 11.39
C ASN B 350 -1.77 2.24 10.81
N MET B 351 -2.08 2.33 9.52
CA MET B 351 -2.84 1.27 8.87
C MET B 351 -2.00 0.02 8.76
N THR B 352 -2.67 -1.13 8.81
CA THR B 352 -1.97 -2.41 8.76
C THR B 352 -1.31 -2.62 7.41
N ASN B 353 -0.07 -3.09 7.44
CA ASN B 353 0.66 -3.46 6.24
C ASN B 353 0.33 -4.90 5.90
N GLN B 354 -0.48 -5.11 4.87
CA GLN B 354 -0.91 -6.45 4.50
C GLN B 354 0.12 -7.21 3.70
N ASN B 355 1.23 -6.57 3.30
CA ASN B 355 2.30 -7.24 2.58
C ASN B 355 3.26 -7.85 3.60
N THR B 356 3.06 -9.13 3.89
CA THR B 356 3.91 -9.83 4.83
C THR B 356 5.27 -10.14 4.21
N PRO B 357 6.31 -10.33 5.03
CA PRO B 357 7.65 -10.56 4.46
C PRO B 357 7.75 -11.77 3.53
N GLU B 358 7.04 -12.85 3.82
CA GLU B 358 7.13 -14.03 2.96
C GLU B 358 6.54 -13.75 1.59
N TYR B 359 5.44 -12.99 1.52
CA TYR B 359 4.85 -12.63 0.24
C TYR B 359 5.85 -11.85 -0.61
N MET B 360 6.49 -10.84 -0.01
CA MET B 360 7.44 -10.03 -0.75
C MET B 360 8.65 -10.83 -1.18
N GLU B 361 9.14 -11.72 -0.31
CA GLU B 361 10.28 -12.55 -0.66
C GLU B 361 9.95 -13.47 -1.83
N LYS B 362 8.76 -14.07 -1.82
CA LYS B 362 8.37 -14.96 -2.92
C LYS B 362 8.24 -14.19 -4.23
N ILE B 363 7.58 -13.02 -4.20
CA ILE B 363 7.43 -12.24 -5.43
C ILE B 363 8.78 -11.78 -5.94
N LYS B 364 9.66 -11.35 -5.03
CA LYS B 364 11.00 -10.91 -5.44
C LYS B 364 11.79 -12.05 -6.05
N GLN B 365 11.69 -13.25 -5.49
CA GLN B 365 12.39 -14.39 -6.06
C GLN B 365 11.87 -14.73 -7.44
N ARG B 366 10.54 -14.71 -7.62
CA ARG B 366 9.97 -14.97 -8.95
C ARG B 366 10.46 -13.94 -9.95
N LEU B 367 10.49 -12.67 -9.55
CA LEU B 367 10.97 -11.62 -10.45
C LEU B 367 12.44 -11.81 -10.79
N PHE B 368 13.25 -12.22 -9.82
CA PHE B 368 14.67 -12.46 -10.09
C PHE B 368 14.86 -13.59 -11.09
N GLU B 369 14.11 -14.68 -10.93
CA GLU B 369 14.22 -15.78 -11.88
C GLU B 369 13.71 -15.38 -13.25
N ASN B 370 12.70 -14.51 -13.32
CA ASN B 370 12.28 -13.98 -14.61
C ASN B 370 13.35 -13.11 -15.25
N LEU B 371 14.08 -12.35 -14.43
CA LEU B 371 15.10 -11.45 -14.95
C LEU B 371 16.35 -12.19 -15.41
N ARG B 372 16.67 -13.32 -14.78
CA ARG B 372 17.88 -14.05 -15.16
C ARG B 372 17.81 -14.60 -16.58
N MET B 373 16.63 -14.66 -17.18
CA MET B 373 16.44 -15.25 -18.50
C MET B 373 16.72 -14.29 -19.64
N LEU B 374 17.06 -13.04 -19.37
CA LEU B 374 17.40 -12.12 -20.44
C LEU B 374 18.74 -12.50 -21.04
N PRO B 375 18.97 -12.21 -22.33
CA PRO B 375 20.22 -12.57 -23.00
C PRO B 375 21.30 -11.50 -22.91
N SER C 17 -23.72 19.27 10.16
CA SER C 17 -23.32 18.93 8.81
C SER C 17 -23.16 20.19 7.96
N GLY C 18 -22.50 21.20 8.52
CA GLY C 18 -22.35 22.48 7.83
C GLY C 18 -21.13 22.54 6.93
N GLY C 19 -21.35 22.37 5.63
CA GLY C 19 -20.30 22.50 4.65
C GLY C 19 -20.38 23.85 3.94
N LEU C 20 -19.21 24.35 3.55
CA LEU C 20 -19.11 25.67 2.93
C LEU C 20 -19.36 25.65 1.43
N MET C 21 -19.61 24.48 0.83
CA MET C 21 -19.70 24.39 -0.62
C MET C 21 -20.85 25.24 -1.16
N GLU C 22 -22.01 25.18 -0.52
CA GLU C 22 -23.17 25.92 -1.02
C GLU C 22 -22.89 27.42 -1.05
N GLN C 23 -22.30 27.96 0.02
CA GLN C 23 -22.02 29.38 0.07
C GLN C 23 -21.01 29.79 -0.99
N ILE C 24 -19.99 28.99 -1.23
CA ILE C 24 -19.01 29.30 -2.27
C ILE C 24 -19.62 29.24 -3.66
N GLN C 25 -20.40 28.20 -3.97
CA GLN C 25 -21.01 28.12 -5.28
C GLN C 25 -22.07 29.19 -5.51
N ALA C 26 -22.70 29.68 -4.44
CA ALA C 26 -23.61 30.80 -4.58
C ALA C 26 -22.85 32.11 -4.75
N LEU C 27 -21.71 32.26 -4.08
CA LEU C 27 -20.93 33.50 -4.18
C LEU C 27 -20.31 33.65 -5.56
N LEU C 28 -19.92 32.54 -6.19
CA LEU C 28 -19.28 32.55 -7.50
C LEU C 28 -20.28 32.36 -8.64
N ALA C 29 -21.56 32.26 -8.34
CA ALA C 29 -22.55 31.94 -9.36
C ALA C 29 -22.60 33.04 -10.42
N PRO C 30 -22.68 32.69 -11.69
CA PRO C 30 -22.79 33.71 -12.72
C PRO C 30 -24.08 34.49 -12.57
N PRO C 31 -24.19 35.78 -13.02
CA PRO C 31 -25.48 36.49 -12.98
C PRO C 31 -26.30 36.05 -14.20
N LYS C 32 -26.84 34.83 -14.17
CA LYS C 32 -27.63 34.31 -15.31
C LYS C 32 -29.01 34.99 -15.30
N THR C 33 -29.14 36.12 -16.01
CA THR C 33 -30.42 36.88 -16.03
C THR C 33 -31.18 36.54 -17.32
N ASP C 34 -31.51 35.26 -17.49
CA ASP C 34 -32.09 34.75 -18.76
C ASP C 34 -33.51 34.27 -18.51
N THR C 257 -17.13 -20.88 6.59
CA THR C 257 -18.01 -21.05 7.75
C THR C 257 -17.24 -21.55 8.95
N GLN C 258 -16.98 -22.86 8.97
CA GLN C 258 -16.34 -23.48 10.12
C GLN C 258 -14.87 -23.06 10.25
N HIS C 259 -14.22 -22.70 9.16
CA HIS C 259 -12.82 -22.27 9.19
C HIS C 259 -12.70 -20.75 9.29
N GLU C 260 -13.41 -20.14 10.22
CA GLU C 260 -13.39 -18.70 10.40
C GLU C 260 -13.60 -18.37 11.87
N LEU C 261 -13.20 -17.16 12.25
CA LEU C 261 -13.35 -16.70 13.61
C LEU C 261 -14.82 -16.59 13.98
N ASP C 262 -15.13 -16.85 15.25
CA ASP C 262 -16.50 -16.78 15.73
C ASP C 262 -17.00 -15.32 15.72
N HIS C 263 -18.26 -15.14 16.09
CA HIS C 263 -18.86 -13.81 16.08
C HIS C 263 -18.11 -12.86 17.02
N ASN C 264 -17.83 -13.32 18.24
CA ASN C 264 -17.03 -12.51 19.15
C ASN C 264 -15.56 -12.49 18.75
N GLY C 265 -15.11 -13.49 18.00
CA GLY C 265 -13.73 -13.58 17.53
C GLY C 265 -12.93 -14.59 18.32
N LEU C 266 -12.84 -15.81 17.77
CA LEU C 266 -12.21 -16.94 18.43
C LEU C 266 -11.92 -18.00 17.39
N VAL C 267 -10.85 -18.76 17.59
CA VAL C 267 -10.53 -19.86 16.68
C VAL C 267 -11.46 -21.03 16.99
N PRO C 268 -12.28 -21.45 16.03
CA PRO C 268 -13.22 -22.54 16.29
C PRO C 268 -12.50 -23.85 16.58
N LEU C 269 -13.12 -24.67 17.43
CA LEU C 269 -12.54 -25.92 17.87
C LEU C 269 -13.56 -27.04 17.69
N PRO C 270 -13.19 -28.20 17.13
CA PRO C 270 -11.87 -28.56 16.58
C PRO C 270 -11.45 -27.70 15.39
N VAL C 271 -10.16 -27.65 15.09
CA VAL C 271 -9.62 -26.75 14.08
C VAL C 271 -9.34 -27.53 12.80
N LYS C 272 -9.29 -26.80 11.69
CA LYS C 272 -8.76 -27.29 10.43
C LYS C 272 -7.61 -26.37 10.03
N VAL C 273 -6.55 -26.95 9.47
CA VAL C 273 -5.29 -26.26 9.32
C VAL C 273 -4.95 -26.14 7.83
N CYS C 274 -3.98 -25.29 7.53
CA CYS C 274 -3.47 -25.16 6.17
C CYS C 274 -2.72 -26.42 5.76
N PHE C 275 -2.78 -26.73 4.46
CA PHE C 275 -2.17 -27.95 3.97
C PHE C 275 -0.66 -27.82 3.89
N THR C 276 -0.13 -26.59 3.88
CA THR C 276 1.30 -26.35 3.73
C THR C 276 2.02 -26.15 5.06
N CYS C 277 1.39 -25.47 6.02
CA CYS C 277 2.03 -25.13 7.28
C CYS C 277 1.39 -25.80 8.49
N ASN C 278 0.20 -26.39 8.35
CA ASN C 278 -0.54 -26.97 9.45
C ASN C 278 -0.77 -25.96 10.57
N ARG C 279 -1.36 -24.82 10.20
CA ARG C 279 -1.76 -23.78 11.13
C ARG C 279 -3.18 -23.34 10.81
N SER C 280 -3.86 -22.85 11.83
CA SER C 280 -5.28 -22.51 11.71
C SER C 280 -5.44 -21.08 11.21
N CYS C 281 -6.66 -20.55 11.31
CA CYS C 281 -7.00 -19.23 10.82
C CYS C 281 -6.45 -18.11 11.70
N ARG C 282 -5.88 -18.43 12.86
CA ARG C 282 -5.39 -17.39 13.75
C ARG C 282 -4.23 -16.60 13.15
N VAL C 283 -3.31 -17.27 12.46
CA VAL C 283 -2.18 -16.58 11.84
C VAL C 283 -2.62 -15.77 10.62
N ALA C 284 -3.55 -16.31 9.83
CA ALA C 284 -4.02 -15.66 8.62
C ALA C 284 -5.31 -16.35 8.19
N PRO C 285 -6.19 -15.65 7.48
CA PRO C 285 -7.42 -16.29 6.98
C PRO C 285 -7.10 -17.44 6.04
N LEU C 286 -7.94 -18.48 6.10
CA LEU C 286 -7.79 -19.65 5.26
C LEU C 286 -8.80 -19.63 4.13
N ILE C 287 -8.36 -20.04 2.94
CA ILE C 287 -9.23 -20.21 1.79
C ILE C 287 -9.45 -21.70 1.56
N GLN C 288 -10.71 -22.08 1.31
CA GLN C 288 -11.08 -23.48 1.18
C GLN C 288 -11.31 -23.82 -0.28
N CYS C 289 -10.62 -24.85 -0.77
CA CYS C 289 -10.85 -25.35 -2.11
C CYS C 289 -12.25 -25.98 -2.18
N ASP C 290 -12.99 -25.65 -3.24
CA ASP C 290 -14.36 -26.12 -3.37
C ASP C 290 -14.48 -27.45 -4.08
N TYR C 291 -13.37 -28.06 -4.49
CA TYR C 291 -13.41 -29.39 -5.08
C TYR C 291 -12.93 -30.47 -4.12
N CYS C 292 -11.93 -30.16 -3.29
CA CYS C 292 -11.41 -31.04 -2.27
C CYS C 292 -11.35 -30.30 -0.95
N PRO C 293 -11.41 -31.01 0.19
CA PRO C 293 -11.44 -30.32 1.49
C PRO C 293 -10.04 -29.95 1.99
N LEU C 294 -9.32 -29.18 1.18
CA LEU C 294 -7.96 -28.75 1.50
C LEU C 294 -7.97 -27.25 1.73
N LEU C 295 -7.66 -26.83 2.96
CA LEU C 295 -7.55 -25.41 3.28
C LEU C 295 -6.14 -24.92 2.96
N PHE C 296 -6.04 -23.64 2.61
CA PHE C 296 -4.77 -23.07 2.20
C PHE C 296 -4.63 -21.65 2.72
N HIS C 297 -3.39 -21.20 2.84
CA HIS C 297 -3.10 -19.82 3.18
C HIS C 297 -2.73 -19.04 1.93
N MET C 298 -3.11 -17.77 1.90
CA MET C 298 -2.83 -16.94 0.74
C MET C 298 -1.34 -16.78 0.51
N ASP C 299 -0.55 -16.89 1.58
CA ASP C 299 0.90 -16.81 1.46
C ASP C 299 1.57 -18.17 1.33
N CYS C 300 0.88 -19.25 1.70
CA CYS C 300 1.48 -20.58 1.64
C CYS C 300 1.45 -21.15 0.23
N LEU C 301 0.80 -20.48 -0.71
CA LEU C 301 0.78 -20.94 -2.08
C LEU C 301 2.08 -20.57 -2.79
N GLU C 302 2.22 -21.05 -4.02
CA GLU C 302 3.42 -20.82 -4.83
C GLU C 302 3.00 -20.74 -6.29
N PRO C 303 2.91 -19.52 -6.87
CA PRO C 303 3.17 -18.20 -6.27
C PRO C 303 2.01 -17.74 -5.39
N PRO C 304 2.28 -16.88 -4.42
CA PRO C 304 1.22 -16.46 -3.48
C PRO C 304 0.13 -15.65 -4.17
N LEU C 305 -1.09 -15.83 -3.69
CA LEU C 305 -2.20 -14.99 -4.13
C LEU C 305 -2.08 -13.60 -3.53
N THR C 306 -2.33 -12.59 -4.35
CA THR C 306 -2.29 -11.20 -3.89
C THR C 306 -3.57 -10.78 -3.20
N ALA C 307 -4.72 -11.24 -3.69
CA ALA C 307 -6.01 -10.86 -3.16
C ALA C 307 -6.88 -12.11 -2.97
N MET C 308 -7.96 -11.94 -2.24
CA MET C 308 -8.92 -13.01 -2.03
C MET C 308 -9.54 -13.42 -3.37
N PRO C 309 -9.65 -14.72 -3.65
CA PRO C 309 -10.37 -15.14 -4.86
C PRO C 309 -11.87 -15.03 -4.69
N LEU C 310 -12.51 -14.22 -5.53
CA LEU C 310 -13.94 -13.92 -5.33
C LEU C 310 -14.84 -15.07 -5.76
N GLY C 311 -14.46 -15.80 -6.79
CA GLY C 311 -15.28 -16.87 -7.33
C GLY C 311 -14.90 -18.23 -6.79
N ARG C 312 -15.03 -19.23 -7.66
CA ARG C 312 -14.58 -20.57 -7.31
C ARG C 312 -13.08 -20.70 -7.61
N TRP C 313 -12.33 -21.12 -6.60
CA TRP C 313 -10.88 -21.20 -6.68
C TRP C 313 -10.43 -22.65 -6.70
N MET C 314 -9.34 -22.92 -7.42
CA MET C 314 -8.80 -24.26 -7.58
C MET C 314 -7.46 -24.36 -6.89
N CYS C 315 -7.35 -25.26 -5.93
CA CYS C 315 -6.11 -25.51 -5.21
C CYS C 315 -5.08 -26.14 -6.13
N PRO C 316 -3.78 -26.01 -5.82
CA PRO C 316 -2.72 -26.51 -6.71
C PRO C 316 -2.47 -28.01 -6.59
N ASN C 317 -3.35 -28.70 -5.86
CA ASN C 317 -3.19 -30.12 -5.62
C ASN C 317 -4.15 -30.97 -6.46
N HIS C 318 -4.57 -30.48 -7.62
CA HIS C 318 -5.46 -31.24 -8.48
C HIS C 318 -4.78 -31.55 -9.82
N ILE C 319 -5.50 -32.27 -10.68
CA ILE C 319 -4.94 -32.78 -11.92
C ILE C 319 -5.31 -31.93 -13.13
N GLU C 320 -6.43 -31.20 -13.07
CA GLU C 320 -6.87 -30.39 -14.20
C GLU C 320 -5.84 -29.37 -14.66
N HIS C 321 -4.77 -29.16 -13.89
CA HIS C 321 -3.72 -28.23 -14.30
C HIS C 321 -2.97 -28.75 -15.52
N VAL C 322 -2.62 -30.04 -15.55
CA VAL C 322 -1.95 -30.59 -16.73
C VAL C 322 -2.92 -30.65 -17.91
N VAL C 323 -4.21 -30.86 -17.65
CA VAL C 323 -5.22 -30.76 -18.70
C VAL C 323 -5.28 -29.34 -19.26
N LEU C 324 -5.04 -28.33 -18.41
CA LEU C 324 -5.00 -26.95 -18.83
C LEU C 324 -3.81 -26.61 -19.71
N ASN C 325 -2.85 -27.53 -19.85
CA ASN C 325 -1.72 -27.28 -20.75
C ASN C 325 -2.20 -27.02 -22.17
N GLN C 326 -3.17 -27.81 -22.63
CA GLN C 326 -3.85 -27.57 -23.90
C GLN C 326 -5.08 -26.72 -23.62
N LYS C 327 -5.03 -25.45 -24.02
CA LYS C 327 -6.10 -24.49 -23.74
C LYS C 327 -7.11 -24.37 -24.88
N ASN C 328 -6.96 -25.14 -25.94
CA ASN C 328 -7.90 -25.03 -27.06
C ASN C 328 -9.25 -25.66 -26.73
N MET C 329 -9.24 -26.82 -26.08
CA MET C 329 -10.47 -27.55 -25.84
C MET C 329 -11.30 -26.87 -24.75
N THR C 330 -12.62 -26.98 -24.86
CA THR C 330 -13.51 -26.33 -23.92
C THR C 330 -13.69 -27.19 -22.66
N LEU C 331 -14.52 -26.69 -21.75
CA LEU C 331 -14.68 -27.34 -20.45
C LEU C 331 -15.60 -28.56 -20.51
N SER C 332 -16.46 -28.66 -21.52
CA SER C 332 -17.37 -29.80 -21.58
C SER C 332 -16.62 -31.10 -21.87
N ASN C 333 -15.68 -31.07 -22.81
CA ASN C 333 -14.88 -32.25 -23.10
C ASN C 333 -14.01 -32.62 -21.90
N ARG C 334 -13.42 -31.63 -21.24
CA ARG C 334 -12.64 -31.92 -20.05
C ARG C 334 -13.51 -32.58 -18.98
N CYS C 335 -14.72 -32.06 -18.77
CA CYS C 335 -15.62 -32.62 -17.78
C CYS C 335 -16.00 -34.05 -18.13
N GLN C 336 -16.28 -34.32 -19.41
CA GLN C 336 -16.64 -35.69 -19.80
C GLN C 336 -15.45 -36.64 -19.61
N VAL C 337 -14.24 -36.15 -19.90
CA VAL C 337 -13.06 -36.98 -19.67
C VAL C 337 -12.90 -37.30 -18.19
N PHE C 338 -13.14 -36.30 -17.33
CA PHE C 338 -13.05 -36.55 -15.89
C PHE C 338 -14.12 -37.54 -15.43
N ASP C 339 -15.37 -37.36 -15.91
CA ASP C 339 -16.46 -38.24 -15.51
C ASP C 339 -16.30 -39.64 -16.08
N ARG C 340 -15.42 -39.82 -17.07
CA ARG C 340 -15.07 -41.17 -17.50
C ARG C 340 -14.47 -42.01 -16.37
N PHE C 341 -13.94 -41.36 -15.32
CA PHE C 341 -13.38 -42.07 -14.18
C PHE C 341 -14.12 -41.75 -12.88
N GLN C 342 -15.35 -41.23 -12.97
CA GLN C 342 -16.09 -40.79 -11.79
C GLN C 342 -17.13 -41.79 -11.32
N ASP C 343 -17.18 -42.99 -11.91
CA ASP C 343 -18.15 -44.01 -11.53
C ASP C 343 -17.55 -45.21 -10.83
N THR C 344 -16.24 -45.41 -10.93
CA THR C 344 -15.53 -46.52 -10.29
C THR C 344 -14.40 -45.98 -9.44
N VAL C 345 -14.73 -45.01 -8.59
CA VAL C 345 -13.75 -44.10 -7.99
C VAL C 345 -12.71 -44.85 -7.17
N SER C 346 -13.03 -46.02 -6.64
CA SER C 346 -12.07 -46.73 -5.80
C SER C 346 -10.99 -47.39 -6.65
N GLN C 347 -11.38 -48.36 -7.48
CA GLN C 347 -10.50 -49.04 -8.44
C GLN C 347 -9.17 -49.46 -7.82
N HIS C 348 -9.15 -49.69 -6.50
CA HIS C 348 -7.88 -49.79 -5.79
C HIS C 348 -7.04 -50.97 -6.29
N VAL C 349 -7.69 -52.11 -6.51
CA VAL C 349 -6.97 -53.29 -7.01
C VAL C 349 -6.37 -52.99 -8.38
N VAL C 350 -7.17 -52.42 -9.28
CA VAL C 350 -6.69 -52.23 -10.64
C VAL C 350 -5.61 -51.14 -10.69
N LYS C 351 -5.69 -50.13 -9.83
CA LYS C 351 -4.67 -49.09 -9.85
C LYS C 351 -3.35 -49.59 -9.26
N VAL C 352 -3.38 -50.35 -8.17
CA VAL C 352 -2.13 -50.93 -7.69
C VAL C 352 -1.58 -51.92 -8.72
N ASP C 353 -2.47 -52.66 -9.39
CA ASP C 353 -2.04 -53.60 -10.42
C ASP C 353 -1.34 -52.89 -11.57
N PHE C 354 -1.91 -51.79 -12.05
CA PHE C 354 -1.27 -51.04 -13.12
C PHE C 354 0.05 -50.44 -12.64
N LEU C 355 0.11 -50.01 -11.38
CA LEU C 355 1.35 -49.46 -10.86
C LEU C 355 2.47 -50.51 -10.88
N ASN C 356 2.18 -51.73 -10.43
CA ASN C 356 3.24 -52.75 -10.49
C ASN C 356 3.51 -53.19 -11.92
N ARG C 357 2.49 -53.19 -12.78
CA ARG C 357 2.68 -53.60 -14.17
C ARG C 357 3.64 -52.65 -14.88
N ILE C 358 3.50 -51.34 -14.65
CA ILE C 358 4.46 -50.39 -15.17
C ILE C 358 5.79 -50.50 -14.43
N HIS C 359 5.73 -50.82 -13.14
CA HIS C 359 6.91 -50.76 -12.27
C HIS C 359 8.02 -51.71 -12.72
N LYS C 360 7.69 -52.80 -13.40
CA LYS C 360 8.70 -53.74 -13.85
C LYS C 360 9.73 -53.04 -14.73
N LYS C 361 11.01 -53.16 -14.37
CA LYS C 361 12.06 -52.47 -15.11
C LYS C 361 12.16 -52.97 -16.54
N HIS C 362 12.12 -54.28 -16.73
CA HIS C 362 12.16 -54.87 -18.06
C HIS C 362 10.75 -55.03 -18.59
N PRO C 363 10.40 -54.42 -19.71
CA PRO C 363 9.01 -54.50 -20.18
C PRO C 363 8.68 -55.92 -20.61
N PRO C 364 7.41 -56.32 -20.49
CA PRO C 364 6.97 -57.68 -20.88
C PRO C 364 6.99 -57.88 -22.39
#